data_2A8X
#
_entry.id   2A8X
#
_cell.length_a   83.582
_cell.length_b   96.677
_cell.length_c   122.889
_cell.angle_alpha   90.00
_cell.angle_beta   90.00
_cell.angle_gamma   90.00
#
_symmetry.space_group_name_H-M   'P 21 21 21'
#
loop_
_entity.id
_entity.type
_entity.pdbx_description
1 polymer 'Dihydrolipoyl dehydrogenase'
2 non-polymer 'FLAVIN-ADENINE DINUCLEOTIDE'
3 non-polymer (4S)-2-METHYL-2,4-PENTANEDIOL
4 water water
#
_entity_poly.entity_id   1
_entity_poly.type   'polypeptide(L)'
_entity_poly.pdbx_seq_one_letter_code
;(MSE)THYDVVVLGAGPGGYVAAIRAAQLGLSTAIVEPKYWGGVCLNVGCIPSKALLRNAELVHIFTKDAKAFGISGEVT
FDYGIAYDRSRKVAEGRVAGVHFL(MSE)KKNKITEIHGYGTFADANTLLVDLNDGGTESVTFDNAIIATGSSTRLVPGT
SLSANVVTYEEQILSRELPKSIIIAGAGAIG(MSE)EFGYVLKNYGVDVTIVEFLPRALPNEDADVSKEIEKQFKKLGVT
ILTATKVESIADGGSQVTVTVTKDGVAQELKAEKVLQAIGFAPNVEGYGLDKAGVALTDRKAIGVDDY(MSE)RTNVGHI
YAIGDVNGLLQLAHVAEAQGVVAAETIAGAETLTLGDHR(MSE)LPRATFCQPNVASFGLTEQQARNEGYDVVVAKFPFT
ANAKAHGVGDPSGFVKLVADAKHGELLGGHLVGHDVAELLPELTLAQRWDLTASELARNVHTHPT(MSE)SEALQECFHG
LVGH(MSE)INF
;
_entity_poly.pdbx_strand_id   A,B
#
loop_
_chem_comp.id
_chem_comp.type
_chem_comp.name
_chem_comp.formula
FAD non-polymer 'FLAVIN-ADENINE DINUCLEOTIDE' 'C27 H33 N9 O15 P2'
MPD non-polymer (4S)-2-METHYL-2,4-PENTANEDIOL 'C6 H14 O2'
#
# COMPACT_ATOMS: atom_id res chain seq x y z
N MSE A 1 -5.26 -42.06 27.40
CA MSE A 1 -6.37 -42.31 26.43
C MSE A 1 -7.00 -40.99 26.00
O MSE A 1 -8.13 -40.67 26.39
CB MSE A 1 -7.45 -43.18 27.07
CG MSE A 1 -8.41 -43.78 26.06
SE MSE A 1 -10.20 -44.10 26.72
CE MSE A 1 -11.15 -42.82 25.61
N THR A 2 -6.30 -40.21 25.17
CA THR A 2 -6.82 -38.93 24.70
C THR A 2 -7.30 -38.99 23.25
N HIS A 3 -8.45 -38.39 23.00
CA HIS A 3 -9.04 -38.37 21.68
C HIS A 3 -9.53 -36.95 21.36
N TYR A 4 -9.46 -36.54 20.09
CA TYR A 4 -9.92 -35.21 19.69
C TYR A 4 -10.67 -35.30 18.38
N ASP A 5 -11.60 -34.37 18.15
CA ASP A 5 -12.37 -34.35 16.89
C ASP A 5 -11.40 -34.12 15.75
N VAL A 6 -10.45 -33.22 16.00
CA VAL A 6 -9.44 -32.88 15.01
C VAL A 6 -8.06 -32.85 15.65
N VAL A 7 -7.07 -33.28 14.88
CA VAL A 7 -5.68 -33.28 15.33
C VAL A 7 -4.90 -32.60 14.21
N VAL A 8 -4.04 -31.65 14.58
CA VAL A 8 -3.23 -30.91 13.61
C VAL A 8 -1.74 -31.24 13.76
N LEU A 9 -1.09 -31.54 12.64
CA LEU A 9 0.35 -31.83 12.67
C LEU A 9 1.10 -30.60 12.20
N GLY A 10 1.87 -30.01 13.09
CA GLY A 10 2.61 -28.83 12.74
C GLY A 10 1.90 -27.59 13.23
N ALA A 11 2.66 -26.65 13.77
CA ALA A 11 2.10 -25.41 14.28
C ALA A 11 2.52 -24.19 13.45
N GLY A 12 2.73 -24.41 12.15
CA GLY A 12 3.12 -23.32 11.28
C GLY A 12 1.90 -22.46 10.97
N PRO A 13 2.01 -21.47 10.07
CA PRO A 13 0.86 -20.63 9.74
C PRO A 13 -0.43 -21.42 9.47
N GLY A 14 -0.39 -22.33 8.51
CA GLY A 14 -1.58 -23.11 8.20
C GLY A 14 -2.02 -23.98 9.37
N GLY A 15 -1.07 -24.56 10.07
CA GLY A 15 -1.42 -25.41 11.18
C GLY A 15 -2.21 -24.73 12.29
N TYR A 16 -1.57 -23.80 12.99
CA TYR A 16 -2.24 -23.15 14.10
C TYR A 16 -3.49 -22.37 13.71
N VAL A 17 -3.51 -21.90 12.47
CA VAL A 17 -4.67 -21.18 11.98
C VAL A 17 -5.78 -22.18 11.75
N ALA A 18 -5.42 -23.38 11.30
CA ALA A 18 -6.43 -24.41 11.05
C ALA A 18 -7.07 -24.79 12.38
N ALA A 19 -6.22 -24.99 13.38
CA ALA A 19 -6.66 -25.35 14.72
C ALA A 19 -7.59 -24.27 15.26
N ILE A 20 -7.26 -23.01 15.01
CA ILE A 20 -8.10 -21.90 15.48
C ILE A 20 -9.48 -21.95 14.87
N ARG A 21 -9.54 -22.05 13.54
CA ARG A 21 -10.82 -22.09 12.86
C ARG A 21 -11.65 -23.28 13.35
N ALA A 22 -10.98 -24.41 13.56
CA ALA A 22 -11.66 -25.62 14.03
C ALA A 22 -12.31 -25.37 15.38
N ALA A 23 -11.55 -24.79 16.29
CA ALA A 23 -12.07 -24.50 17.62
C ALA A 23 -13.28 -23.59 17.53
N GLN A 24 -13.17 -22.53 16.73
CA GLN A 24 -14.25 -21.58 16.57
C GLN A 24 -15.51 -22.29 16.11
N LEU A 25 -15.33 -23.41 15.41
CA LEU A 25 -16.48 -24.15 14.92
C LEU A 25 -16.91 -25.22 15.92
N GLY A 26 -16.48 -25.07 17.16
CA GLY A 26 -16.83 -26.01 18.21
C GLY A 26 -16.30 -27.42 18.05
N LEU A 27 -15.04 -27.52 17.61
CA LEU A 27 -14.40 -28.83 17.42
C LEU A 27 -13.27 -29.04 18.42
N SER A 28 -13.30 -30.17 19.09
CA SER A 28 -12.27 -30.49 20.05
C SER A 28 -10.98 -30.56 19.25
N THR A 29 -10.06 -29.63 19.51
CA THR A 29 -8.83 -29.60 18.75
C THR A 29 -7.52 -29.73 19.50
N ALA A 30 -6.55 -30.36 18.86
CA ALA A 30 -5.23 -30.55 19.44
C ALA A 30 -4.20 -30.32 18.34
N ILE A 31 -3.07 -29.70 18.71
CA ILE A 31 -2.02 -29.42 17.74
C ILE A 31 -0.68 -29.96 18.22
N VAL A 32 -0.01 -30.71 17.35
CA VAL A 32 1.27 -31.31 17.69
C VAL A 32 2.42 -30.58 17.02
N GLU A 33 3.39 -30.14 17.82
CA GLU A 33 4.56 -29.40 17.32
C GLU A 33 5.73 -29.61 18.28
N PRO A 34 6.91 -29.98 17.75
CA PRO A 34 8.07 -30.21 18.61
C PRO A 34 9.10 -29.09 18.67
N LYS A 35 9.13 -28.28 17.62
CA LYS A 35 10.14 -27.24 17.56
C LYS A 35 9.62 -25.81 17.45
N TYR A 36 9.21 -25.42 16.24
CA TYR A 36 8.72 -24.08 15.94
C TYR A 36 7.22 -23.81 16.06
N TRP A 37 6.83 -23.06 17.07
CA TRP A 37 5.43 -22.71 17.22
C TRP A 37 5.28 -21.45 16.37
N GLY A 38 4.50 -21.58 15.31
CA GLY A 38 4.31 -20.50 14.35
C GLY A 38 5.09 -20.93 13.11
N GLY A 39 5.67 -22.14 13.17
CA GLY A 39 6.42 -22.70 12.06
C GLY A 39 7.68 -21.98 11.62
N VAL A 40 8.11 -22.23 10.39
CA VAL A 40 9.30 -21.60 9.83
C VAL A 40 9.05 -20.10 9.63
N CYS A 41 7.82 -19.76 9.26
CA CYS A 41 7.45 -18.37 9.00
C CYS A 41 7.70 -17.36 10.10
N LEU A 42 7.21 -17.67 11.31
CA LEU A 42 7.35 -16.76 12.44
C LEU A 42 8.70 -16.90 13.17
N ASN A 43 9.36 -18.04 13.03
CA ASN A 43 10.62 -18.24 13.74
C ASN A 43 11.87 -17.91 12.94
N VAL A 44 11.87 -18.28 11.67
CA VAL A 44 13.04 -18.06 10.84
C VAL A 44 12.69 -17.81 9.37
N GLY A 45 11.48 -17.34 9.12
CA GLY A 45 11.11 -17.07 7.74
C GLY A 45 10.55 -15.69 7.58
N CYS A 46 9.30 -15.62 7.14
CA CYS A 46 8.62 -14.37 6.94
C CYS A 46 9.02 -13.24 7.91
N ILE A 47 8.47 -13.35 9.12
CA ILE A 47 8.67 -12.37 10.17
C ILE A 47 10.08 -11.84 10.34
N PRO A 48 11.00 -12.68 10.84
CA PRO A 48 12.36 -12.17 11.02
C PRO A 48 12.98 -11.56 9.78
N SER A 49 12.78 -12.18 8.61
CA SER A 49 13.38 -11.66 7.38
C SER A 49 12.82 -10.30 6.98
N LYS A 50 11.51 -10.11 7.09
CA LYS A 50 10.93 -8.82 6.74
C LYS A 50 11.51 -7.68 7.57
N ALA A 51 11.74 -7.94 8.85
CA ALA A 51 12.32 -6.92 9.73
C ALA A 51 13.72 -6.55 9.28
N LEU A 52 14.47 -7.57 8.86
CA LEU A 52 15.83 -7.36 8.41
C LEU A 52 15.83 -6.58 7.11
N LEU A 53 14.81 -6.80 6.30
CA LEU A 53 14.71 -6.10 5.03
C LEU A 53 14.43 -4.62 5.28
N ARG A 54 13.77 -4.32 6.39
CA ARG A 54 13.46 -2.94 6.74
C ARG A 54 14.75 -2.21 7.14
N ASN A 55 15.61 -2.86 7.91
CA ASN A 55 16.86 -2.23 8.30
C ASN A 55 17.73 -2.01 7.06
N ALA A 56 17.80 -3.02 6.19
CA ALA A 56 18.59 -2.90 4.99
C ALA A 56 18.07 -1.77 4.12
N GLU A 57 16.75 -1.58 4.13
CA GLU A 57 16.13 -0.55 3.32
C GLU A 57 16.59 0.83 3.75
N LEU A 58 16.69 1.02 5.05
CA LEU A 58 17.10 2.30 5.60
C LEU A 58 18.57 2.58 5.31
N VAL A 59 19.38 1.52 5.29
CA VAL A 59 20.80 1.64 5.00
C VAL A 59 20.93 2.05 3.53
N HIS A 60 20.08 1.47 2.68
CA HIS A 60 20.10 1.76 1.26
C HIS A 60 19.65 3.19 1.01
N ILE A 61 18.62 3.62 1.73
CA ILE A 61 18.11 4.96 1.58
C ILE A 61 19.17 5.99 1.90
N PHE A 62 19.91 5.78 2.98
CA PHE A 62 20.94 6.72 3.38
C PHE A 62 22.15 6.71 2.48
N THR A 63 22.82 5.57 2.43
CA THR A 63 24.03 5.45 1.65
C THR A 63 23.91 5.90 0.22
N LYS A 64 22.69 5.83 -0.32
CA LYS A 64 22.50 6.23 -1.70
C LYS A 64 21.82 7.57 -1.92
N ASP A 65 20.84 7.90 -1.08
CA ASP A 65 20.10 9.13 -1.24
C ASP A 65 20.25 10.17 -0.12
N ALA A 66 21.21 9.94 0.79
CA ALA A 66 21.45 10.84 1.90
C ALA A 66 21.47 12.31 1.48
N LYS A 67 22.27 12.62 0.46
CA LYS A 67 22.35 13.99 0.00
C LYS A 67 21.09 14.42 -0.75
N ALA A 68 20.48 13.50 -1.49
CA ALA A 68 19.27 13.82 -2.23
C ALA A 68 18.17 14.27 -1.27
N PHE A 69 18.27 13.84 -0.02
CA PHE A 69 17.28 14.21 0.97
C PHE A 69 17.79 15.33 1.89
N GLY A 70 19.00 15.80 1.62
CA GLY A 70 19.58 16.87 2.41
C GLY A 70 20.11 16.37 3.75
N ILE A 71 20.42 15.09 3.81
CA ILE A 71 20.94 14.51 5.03
C ILE A 71 22.45 14.63 5.01
N SER A 72 22.98 15.32 6.01
CA SER A 72 24.42 15.52 6.09
C SER A 72 24.98 14.84 7.33
N GLY A 73 26.15 14.24 7.17
CA GLY A 73 26.78 13.55 8.29
C GLY A 73 27.13 12.12 7.93
N GLU A 74 27.88 11.45 8.81
CA GLU A 74 28.29 10.07 8.56
C GLU A 74 27.73 9.15 9.64
N VAL A 75 26.97 8.14 9.22
CA VAL A 75 26.37 7.20 10.16
C VAL A 75 26.81 5.78 9.90
N THR A 76 26.57 4.91 10.88
CA THR A 76 26.92 3.51 10.73
C THR A 76 25.76 2.65 11.19
N PHE A 77 25.49 1.59 10.44
CA PHE A 77 24.41 0.68 10.79
C PHE A 77 24.97 -0.59 11.35
N ASP A 78 24.54 -0.96 12.55
CA ASP A 78 25.02 -2.18 13.18
C ASP A 78 24.09 -3.35 12.94
N TYR A 79 24.48 -4.24 12.03
CA TYR A 79 23.67 -5.40 11.71
C TYR A 79 23.32 -6.22 12.95
N GLY A 80 24.23 -6.24 13.93
CA GLY A 80 23.97 -6.98 15.15
C GLY A 80 22.68 -6.54 15.80
N ILE A 81 22.44 -5.23 15.76
CA ILE A 81 21.24 -4.61 16.33
C ILE A 81 20.03 -4.96 15.46
N ALA A 82 20.23 -4.97 14.15
CA ALA A 82 19.17 -5.30 13.21
C ALA A 82 18.75 -6.73 13.48
N TYR A 83 19.73 -7.59 13.74
CA TYR A 83 19.48 -8.99 14.04
C TYR A 83 18.66 -9.10 15.33
N ASP A 84 19.07 -8.37 16.36
CA ASP A 84 18.37 -8.42 17.62
C ASP A 84 16.91 -8.01 17.50
N ARG A 85 16.65 -7.04 16.64
CA ARG A 85 15.29 -6.58 16.46
C ARG A 85 14.45 -7.68 15.78
N SER A 86 15.03 -8.32 14.77
CA SER A 86 14.32 -9.37 14.05
C SER A 86 13.90 -10.49 15.01
N ARG A 87 14.74 -10.79 15.99
CA ARG A 87 14.42 -11.84 16.94
C ARG A 87 13.30 -11.40 17.85
N LYS A 88 13.32 -10.14 18.23
CA LYS A 88 12.29 -9.63 19.10
C LYS A 88 10.96 -9.65 18.39
N VAL A 89 10.96 -9.23 17.13
CA VAL A 89 9.72 -9.21 16.37
C VAL A 89 9.17 -10.61 16.23
N ALA A 90 10.09 -11.57 16.03
CA ALA A 90 9.75 -12.97 15.87
C ALA A 90 9.20 -13.56 17.15
N GLU A 91 9.98 -13.47 18.23
CA GLU A 91 9.54 -14.02 19.50
C GLU A 91 8.16 -13.43 19.88
N GLY A 92 7.91 -12.20 19.46
CA GLY A 92 6.64 -11.55 19.75
C GLY A 92 5.48 -12.26 19.07
N ARG A 93 5.67 -12.61 17.80
CA ARG A 93 4.67 -13.32 17.01
C ARG A 93 4.47 -14.73 17.55
N VAL A 94 5.57 -15.39 17.87
CA VAL A 94 5.51 -16.74 18.42
C VAL A 94 4.69 -16.71 19.68
N ALA A 95 5.08 -15.85 20.62
CA ALA A 95 4.37 -15.71 21.88
C ALA A 95 2.87 -15.51 21.62
N GLY A 96 2.56 -14.76 20.57
CA GLY A 96 1.18 -14.51 20.21
C GLY A 96 0.44 -15.79 19.83
N VAL A 97 1.14 -16.70 19.18
CA VAL A 97 0.55 -17.98 18.77
C VAL A 97 -0.01 -18.73 19.98
N HIS A 98 0.84 -18.88 21.00
CA HIS A 98 0.44 -19.56 22.22
C HIS A 98 -0.77 -18.86 22.81
N PHE A 99 -0.81 -17.54 22.71
CA PHE A 99 -1.94 -16.79 23.22
C PHE A 99 -3.22 -17.29 22.54
N LEU A 100 -3.18 -17.37 21.21
CA LEU A 100 -4.35 -17.83 20.46
C LEU A 100 -4.72 -19.29 20.72
N MSE A 101 -3.73 -20.11 21.06
CA MSE A 101 -3.98 -21.52 21.37
C MSE A 101 -4.80 -21.61 22.66
O MSE A 101 -5.76 -22.37 22.76
CB MSE A 101 -2.65 -22.28 21.53
CG MSE A 101 -1.77 -22.27 20.30
SE MSE A 101 -2.65 -23.13 18.79
CE MSE A 101 -3.42 -21.58 17.87
N LYS A 102 -4.40 -20.81 23.64
CA LYS A 102 -5.09 -20.79 24.92
C LYS A 102 -6.48 -20.17 24.78
N LYS A 103 -6.54 -19.01 24.13
CA LYS A 103 -7.79 -18.30 23.92
C LYS A 103 -8.86 -19.17 23.28
N ASN A 104 -8.44 -20.04 22.35
CA ASN A 104 -9.37 -20.90 21.66
C ASN A 104 -9.46 -22.28 22.27
N LYS A 105 -8.92 -22.44 23.47
CA LYS A 105 -8.99 -23.72 24.17
C LYS A 105 -8.42 -24.88 23.36
N ILE A 106 -7.31 -24.63 22.66
CA ILE A 106 -6.66 -25.65 21.84
C ILE A 106 -5.56 -26.34 22.65
N THR A 107 -5.55 -27.67 22.59
CA THR A 107 -4.56 -28.44 23.33
C THR A 107 -3.23 -28.53 22.62
N GLU A 108 -2.18 -28.05 23.28
CA GLU A 108 -0.84 -28.09 22.71
C GLU A 108 -0.12 -29.37 23.08
N ILE A 109 0.38 -30.10 22.08
CA ILE A 109 1.12 -31.33 22.33
C ILE A 109 2.55 -31.15 21.83
N HIS A 110 3.48 -30.99 22.78
CA HIS A 110 4.89 -30.78 22.49
C HIS A 110 5.69 -32.06 22.19
N GLY A 111 5.81 -32.39 20.90
CA GLY A 111 6.53 -33.58 20.51
C GLY A 111 6.36 -33.87 19.03
N TYR A 112 6.99 -34.94 18.56
CA TYR A 112 6.93 -35.32 17.15
C TYR A 112 5.84 -36.36 16.91
N GLY A 113 4.97 -36.10 15.95
CA GLY A 113 3.90 -37.05 15.67
C GLY A 113 4.23 -38.03 14.56
N THR A 114 3.73 -39.26 14.67
CA THR A 114 3.97 -40.28 13.66
C THR A 114 2.68 -41.06 13.55
N PHE A 115 2.21 -41.31 12.33
CA PHE A 115 0.97 -42.06 12.15
C PHE A 115 1.15 -43.56 12.33
N ALA A 116 0.09 -44.24 12.79
CA ALA A 116 0.12 -45.69 12.99
C ALA A 116 -1.10 -46.25 12.26
N ASP A 117 -2.16 -45.45 12.26
CA ASP A 117 -3.40 -45.84 11.62
C ASP A 117 -3.93 -44.61 10.93
N ALA A 118 -5.11 -44.73 10.33
CA ALA A 118 -5.71 -43.60 9.65
C ALA A 118 -6.40 -42.71 10.70
N ASN A 119 -6.50 -43.20 11.94
CA ASN A 119 -7.14 -42.40 13.01
C ASN A 119 -6.34 -42.42 14.31
N THR A 120 -5.09 -42.86 14.22
CA THR A 120 -4.24 -42.95 15.40
C THR A 120 -2.91 -42.27 15.16
N LEU A 121 -2.48 -41.45 16.11
CA LEU A 121 -1.21 -40.76 16.00
C LEU A 121 -0.33 -41.04 17.20
N LEU A 122 0.90 -41.47 16.94
CA LEU A 122 1.87 -41.76 17.99
C LEU A 122 2.71 -40.51 18.18
N VAL A 123 2.83 -40.05 19.43
CA VAL A 123 3.59 -38.84 19.71
C VAL A 123 4.81 -39.02 20.58
N ASP A 124 5.94 -38.54 20.08
CA ASP A 124 7.19 -38.58 20.83
C ASP A 124 7.33 -37.27 21.59
N LEU A 125 6.80 -37.23 22.81
CA LEU A 125 6.87 -36.04 23.64
C LEU A 125 8.30 -35.56 23.82
N ASN A 126 8.50 -34.25 23.82
CA ASN A 126 9.83 -33.67 23.99
C ASN A 126 10.44 -33.95 25.36
N ASP A 127 9.60 -34.30 26.33
CA ASP A 127 10.08 -34.58 27.68
C ASP A 127 10.54 -36.04 27.83
N GLY A 128 10.60 -36.76 26.71
CA GLY A 128 11.03 -38.14 26.74
C GLY A 128 9.90 -39.16 26.71
N GLY A 129 8.70 -38.71 27.05
CA GLY A 129 7.55 -39.60 27.05
C GLY A 129 7.17 -40.09 25.67
N THR A 130 6.19 -40.99 25.60
CA THR A 130 5.73 -41.54 24.33
C THR A 130 4.26 -41.90 24.46
N GLU A 131 3.36 -41.02 24.03
CA GLU A 131 1.93 -41.28 24.12
C GLU A 131 1.25 -41.39 22.75
N SER A 132 0.00 -41.86 22.74
CA SER A 132 -0.73 -41.99 21.48
C SER A 132 -2.03 -41.19 21.55
N VAL A 133 -2.49 -40.72 20.40
CA VAL A 133 -3.70 -39.93 20.35
C VAL A 133 -4.58 -40.33 19.17
N THR A 134 -5.87 -40.51 19.41
CA THR A 134 -6.78 -40.87 18.32
C THR A 134 -7.53 -39.64 17.86
N PHE A 135 -8.14 -39.72 16.68
CA PHE A 135 -8.87 -38.60 16.15
C PHE A 135 -9.90 -38.98 15.09
N ASP A 136 -10.88 -38.11 14.88
CA ASP A 136 -11.90 -38.35 13.87
C ASP A 136 -11.41 -37.71 12.58
N ASN A 137 -10.61 -36.66 12.73
CA ASN A 137 -10.04 -35.96 11.58
C ASN A 137 -8.63 -35.50 11.86
N ALA A 138 -7.84 -35.35 10.80
CA ALA A 138 -6.47 -34.87 10.95
C ALA A 138 -6.15 -33.86 9.85
N ILE A 139 -5.35 -32.86 10.20
CA ILE A 139 -4.93 -31.83 9.28
C ILE A 139 -3.40 -31.84 9.28
N ILE A 140 -2.82 -32.31 8.18
CA ILE A 140 -1.37 -32.41 8.03
C ILE A 140 -0.80 -31.09 7.50
N ALA A 141 -0.02 -30.43 8.33
CA ALA A 141 0.58 -29.17 7.95
C ALA A 141 2.05 -29.22 8.36
N THR A 142 2.77 -30.19 7.82
CA THR A 142 4.16 -30.39 8.16
C THR A 142 5.20 -29.56 7.38
N GLY A 143 4.71 -28.59 6.62
CA GLY A 143 5.58 -27.71 5.85
C GLY A 143 6.55 -28.36 4.89
N SER A 144 7.68 -27.69 4.66
CA SER A 144 8.72 -28.20 3.75
C SER A 144 10.11 -28.02 4.30
N SER A 145 11.10 -28.43 3.52
CA SER A 145 12.51 -28.28 3.90
C SER A 145 13.37 -27.87 2.71
N THR A 146 14.54 -27.30 3.00
CA THR A 146 15.45 -26.83 1.96
C THR A 146 15.97 -27.95 1.07
N ARG A 147 15.72 -27.83 -0.23
CA ARG A 147 16.19 -28.82 -1.18
C ARG A 147 17.63 -28.46 -1.57
N LEU A 148 18.61 -29.26 -1.15
CA LEU A 148 20.01 -28.96 -1.46
C LEU A 148 20.37 -29.26 -2.91
N VAL A 149 21.45 -28.64 -3.39
CA VAL A 149 21.90 -28.86 -4.76
C VAL A 149 22.42 -30.29 -4.83
N PRO A 150 21.95 -31.08 -5.81
CA PRO A 150 22.35 -32.47 -5.98
C PRO A 150 23.84 -32.73 -5.80
N GLY A 151 24.15 -33.57 -4.82
CA GLY A 151 25.53 -33.92 -4.55
C GLY A 151 26.21 -33.10 -3.49
N THR A 152 25.65 -31.95 -3.14
CA THR A 152 26.26 -31.10 -2.13
C THR A 152 25.74 -31.44 -0.75
N SER A 153 26.38 -30.89 0.26
CA SER A 153 25.95 -31.13 1.62
C SER A 153 26.12 -29.89 2.50
N LEU A 154 25.38 -29.82 3.60
CA LEU A 154 25.49 -28.69 4.49
C LEU A 154 26.76 -28.80 5.32
N SER A 155 27.25 -27.66 5.79
CA SER A 155 28.46 -27.61 6.59
C SER A 155 28.62 -26.23 7.25
N ALA A 156 29.66 -26.09 8.07
CA ALA A 156 29.93 -24.85 8.79
C ALA A 156 29.73 -23.59 7.95
N ASN A 157 30.18 -23.63 6.70
CA ASN A 157 30.07 -22.49 5.81
C ASN A 157 29.05 -22.65 4.69
N VAL A 158 28.46 -23.83 4.59
CA VAL A 158 27.43 -24.06 3.57
C VAL A 158 26.17 -24.31 4.36
N VAL A 159 25.31 -23.30 4.41
CA VAL A 159 24.09 -23.37 5.18
C VAL A 159 22.79 -23.07 4.40
N THR A 160 21.68 -23.09 5.14
CA THR A 160 20.35 -22.81 4.61
C THR A 160 19.82 -21.54 5.28
N TYR A 161 18.62 -21.12 4.87
CA TYR A 161 18.02 -19.93 5.43
C TYR A 161 18.05 -19.92 6.97
N GLU A 162 17.90 -21.09 7.58
CA GLU A 162 17.86 -21.16 9.04
C GLU A 162 19.14 -20.67 9.75
N GLU A 163 20.29 -21.27 9.42
CA GLU A 163 21.54 -20.86 10.05
C GLU A 163 21.88 -19.42 9.69
N GLN A 164 21.59 -19.04 8.45
CA GLN A 164 21.89 -17.69 7.99
C GLN A 164 21.09 -16.64 8.75
N ILE A 165 19.77 -16.71 8.65
CA ILE A 165 18.91 -15.75 9.31
C ILE A 165 19.07 -15.73 10.83
N LEU A 166 19.74 -16.76 11.37
CA LEU A 166 19.95 -16.83 12.82
C LEU A 166 21.37 -16.44 13.23
N SER A 167 22.17 -15.96 12.29
CA SER A 167 23.53 -15.56 12.63
C SER A 167 23.57 -14.04 12.84
N ARG A 168 24.21 -13.64 13.92
CA ARG A 168 24.31 -12.23 14.28
C ARG A 168 25.49 -11.58 13.57
N GLU A 169 26.51 -12.39 13.25
CA GLU A 169 27.70 -11.89 12.56
C GLU A 169 27.57 -12.15 11.06
N LEU A 170 28.02 -11.19 10.25
CA LEU A 170 27.97 -11.31 8.79
C LEU A 170 29.27 -11.76 8.15
N PRO A 171 29.19 -12.51 7.05
CA PRO A 171 30.37 -13.00 6.33
C PRO A 171 30.90 -11.89 5.42
N LYS A 172 32.18 -11.97 5.09
CA LYS A 172 32.83 -10.99 4.23
C LYS A 172 32.30 -11.12 2.82
N SER A 173 31.86 -12.32 2.48
CA SER A 173 31.33 -12.56 1.14
C SER A 173 30.44 -13.79 1.20
N ILE A 174 29.62 -13.96 0.17
CA ILE A 174 28.72 -15.09 0.12
C ILE A 174 28.21 -15.36 -1.29
N ILE A 175 27.92 -16.62 -1.56
CA ILE A 175 27.38 -17.02 -2.84
C ILE A 175 26.03 -17.63 -2.54
N ILE A 176 24.98 -17.09 -3.15
CA ILE A 176 23.64 -17.62 -2.90
C ILE A 176 23.18 -18.46 -4.09
N ALA A 177 22.84 -19.71 -3.82
CA ALA A 177 22.38 -20.60 -4.87
C ALA A 177 20.85 -20.53 -4.96
N GLY A 178 20.36 -19.94 -6.05
CA GLY A 178 18.92 -19.80 -6.26
C GLY A 178 18.48 -18.35 -6.23
N ALA A 179 17.90 -17.86 -7.32
CA ALA A 179 17.44 -16.46 -7.42
C ALA A 179 15.93 -16.32 -7.23
N GLY A 180 15.40 -17.08 -6.28
CA GLY A 180 13.98 -17.01 -5.97
C GLY A 180 13.80 -15.91 -4.95
N ALA A 181 12.57 -15.73 -4.47
CA ALA A 181 12.27 -14.69 -3.49
C ALA A 181 13.23 -14.69 -2.31
N ILE A 182 13.35 -15.83 -1.65
CA ILE A 182 14.21 -15.94 -0.50
C ILE A 182 15.66 -15.61 -0.84
N GLY A 183 16.15 -16.12 -1.95
CA GLY A 183 17.51 -15.85 -2.35
C GLY A 183 17.71 -14.37 -2.64
N MSE A 184 16.79 -13.80 -3.39
CA MSE A 184 16.89 -12.38 -3.73
C MSE A 184 16.81 -11.53 -2.47
O MSE A 184 17.57 -10.57 -2.31
CB MSE A 184 15.79 -11.98 -4.72
CG MSE A 184 15.91 -12.63 -6.10
SE MSE A 184 17.39 -11.97 -7.18
CE MSE A 184 18.66 -13.37 -6.81
N GLU A 185 15.89 -11.88 -1.56
CA GLU A 185 15.74 -11.11 -0.32
C GLU A 185 17.01 -11.14 0.51
N PHE A 186 17.65 -12.29 0.63
CA PHE A 186 18.88 -12.34 1.41
C PHE A 186 19.97 -11.50 0.75
N GLY A 187 20.05 -11.56 -0.58
CA GLY A 187 21.07 -10.80 -1.28
C GLY A 187 21.00 -9.33 -0.93
N TYR A 188 19.78 -8.80 -0.99
CA TYR A 188 19.49 -7.41 -0.70
C TYR A 188 19.96 -7.04 0.71
N VAL A 189 19.56 -7.82 1.70
CA VAL A 189 19.95 -7.52 3.06
C VAL A 189 21.47 -7.52 3.20
N LEU A 190 22.08 -8.68 2.93
CA LEU A 190 23.51 -8.85 3.04
C LEU A 190 24.32 -7.82 2.25
N LYS A 191 23.92 -7.55 1.02
CA LYS A 191 24.64 -6.57 0.21
C LYS A 191 24.60 -5.20 0.87
N ASN A 192 23.40 -4.77 1.23
CA ASN A 192 23.27 -3.48 1.88
C ASN A 192 24.13 -3.35 3.12
N TYR A 193 24.49 -4.48 3.73
CA TYR A 193 25.33 -4.42 4.93
C TYR A 193 26.82 -4.63 4.66
N GLY A 194 27.24 -4.42 3.42
CA GLY A 194 28.65 -4.56 3.09
C GLY A 194 29.17 -5.90 2.61
N VAL A 195 28.32 -6.91 2.55
CA VAL A 195 28.77 -8.23 2.10
C VAL A 195 28.87 -8.27 0.57
N ASP A 196 29.81 -9.04 0.03
CA ASP A 196 29.96 -9.16 -1.42
C ASP A 196 29.05 -10.32 -1.80
N VAL A 197 27.92 -9.99 -2.40
CA VAL A 197 26.94 -10.99 -2.77
C VAL A 197 26.94 -11.41 -4.23
N THR A 198 26.89 -12.72 -4.41
CA THR A 198 26.85 -13.31 -5.73
C THR A 198 25.73 -14.32 -5.72
N ILE A 199 24.76 -14.16 -6.61
CA ILE A 199 23.65 -15.08 -6.67
C ILE A 199 23.71 -15.89 -7.95
N VAL A 200 23.63 -17.21 -7.81
CA VAL A 200 23.68 -18.13 -8.95
C VAL A 200 22.29 -18.72 -9.21
N GLU A 201 21.81 -18.57 -10.44
CA GLU A 201 20.50 -19.08 -10.84
C GLU A 201 20.62 -19.99 -12.07
N PHE A 202 20.08 -21.20 -11.94
CA PHE A 202 20.11 -22.18 -13.03
C PHE A 202 19.37 -21.64 -14.25
N LEU A 203 18.17 -21.12 -14.01
CA LEU A 203 17.36 -20.57 -15.09
C LEU A 203 17.99 -19.27 -15.61
N PRO A 204 17.59 -18.82 -16.81
CA PRO A 204 18.13 -17.60 -17.43
C PRO A 204 17.54 -16.27 -16.95
N ARG A 205 16.88 -16.30 -15.80
CA ARG A 205 16.26 -15.10 -15.26
C ARG A 205 16.11 -15.16 -13.75
N ALA A 206 16.38 -14.03 -13.09
CA ALA A 206 16.22 -13.97 -11.65
C ALA A 206 14.70 -13.94 -11.44
N LEU A 207 14.22 -14.51 -10.34
CA LEU A 207 12.79 -14.53 -10.08
C LEU A 207 12.10 -15.08 -11.35
N PRO A 208 12.59 -16.23 -11.84
CA PRO A 208 12.03 -16.85 -13.04
C PRO A 208 10.56 -17.18 -12.93
N ASN A 209 10.02 -17.21 -11.72
CA ASN A 209 8.61 -17.52 -11.57
C ASN A 209 7.75 -16.31 -11.82
N GLU A 210 8.40 -15.14 -11.90
CA GLU A 210 7.69 -13.90 -12.15
C GLU A 210 7.59 -13.66 -13.66
N ASP A 211 7.04 -12.51 -14.02
CA ASP A 211 6.91 -12.15 -15.43
C ASP A 211 8.26 -11.67 -15.91
N ALA A 212 8.57 -11.96 -17.18
CA ALA A 212 9.84 -11.55 -17.75
C ALA A 212 10.14 -10.06 -17.52
N ASP A 213 9.15 -9.20 -17.73
CA ASP A 213 9.34 -7.76 -17.52
C ASP A 213 9.80 -7.48 -16.09
N VAL A 214 9.19 -8.17 -15.13
CA VAL A 214 9.54 -8.00 -13.73
C VAL A 214 10.97 -8.49 -13.49
N SER A 215 11.30 -9.68 -14.03
CA SER A 215 12.64 -10.23 -13.86
C SER A 215 13.69 -9.24 -14.39
N LYS A 216 13.49 -8.72 -15.59
CA LYS A 216 14.46 -7.79 -16.16
C LYS A 216 14.67 -6.59 -15.24
N GLU A 217 13.56 -5.99 -14.79
CA GLU A 217 13.62 -4.83 -13.92
C GLU A 217 14.38 -5.12 -12.64
N ILE A 218 13.95 -6.15 -11.92
CA ILE A 218 14.58 -6.48 -10.66
C ILE A 218 16.07 -6.80 -10.84
N GLU A 219 16.42 -7.34 -12.01
CA GLU A 219 17.81 -7.65 -12.29
C GLU A 219 18.63 -6.36 -12.38
N LYS A 220 18.06 -5.34 -13.02
CA LYS A 220 18.73 -4.03 -13.17
C LYS A 220 18.92 -3.36 -11.80
N GLN A 221 17.91 -3.44 -10.96
CA GLN A 221 17.99 -2.86 -9.63
C GLN A 221 19.13 -3.50 -8.85
N PHE A 222 19.14 -4.82 -8.79
CA PHE A 222 20.19 -5.52 -8.05
C PHE A 222 21.59 -5.22 -8.57
N LYS A 223 21.73 -5.01 -9.87
CA LYS A 223 23.04 -4.71 -10.44
C LYS A 223 23.54 -3.37 -9.90
N LYS A 224 22.65 -2.38 -9.84
CA LYS A 224 23.00 -1.05 -9.33
C LYS A 224 23.36 -1.12 -7.85
N LEU A 225 22.78 -2.10 -7.16
CA LEU A 225 23.02 -2.27 -5.74
C LEU A 225 24.44 -2.79 -5.50
N GLY A 226 24.96 -3.49 -6.51
CA GLY A 226 26.29 -4.06 -6.43
C GLY A 226 26.27 -5.58 -6.32
N VAL A 227 25.07 -6.15 -6.48
CA VAL A 227 24.88 -7.60 -6.40
C VAL A 227 25.17 -8.27 -7.74
N THR A 228 26.03 -9.28 -7.71
CA THR A 228 26.36 -10.01 -8.93
C THR A 228 25.43 -11.20 -9.12
N ILE A 229 24.66 -11.21 -10.19
CA ILE A 229 23.75 -12.33 -10.43
C ILE A 229 24.10 -13.10 -11.70
N LEU A 230 24.45 -14.37 -11.51
CA LEU A 230 24.81 -15.23 -12.64
C LEU A 230 23.62 -16.14 -12.99
N THR A 231 23.00 -15.89 -14.15
CA THR A 231 21.87 -16.69 -14.58
C THR A 231 22.28 -17.72 -15.63
N ALA A 232 21.39 -18.64 -15.95
CA ALA A 232 21.69 -19.68 -16.92
C ALA A 232 22.99 -20.35 -16.51
N THR A 233 23.16 -20.51 -15.20
CA THR A 233 24.37 -21.12 -14.67
C THR A 233 24.00 -22.25 -13.71
N LYS A 234 24.61 -23.42 -13.92
CA LYS A 234 24.35 -24.59 -13.11
C LYS A 234 25.45 -24.88 -12.10
N VAL A 235 25.08 -25.04 -10.83
CA VAL A 235 26.04 -25.34 -9.79
C VAL A 235 26.32 -26.84 -9.84
N GLU A 236 27.58 -27.16 -10.07
CA GLU A 236 27.99 -28.54 -10.18
C GLU A 236 28.35 -29.12 -8.83
N SER A 237 29.05 -28.34 -8.00
CA SER A 237 29.44 -28.79 -6.67
C SER A 237 29.88 -27.64 -5.74
N ILE A 238 29.84 -27.91 -4.44
CA ILE A 238 30.19 -26.94 -3.41
C ILE A 238 31.21 -27.57 -2.47
N ALA A 239 32.41 -27.02 -2.43
CA ALA A 239 33.45 -27.56 -1.57
C ALA A 239 33.79 -26.62 -0.42
N ASP A 240 33.39 -27.00 0.78
CA ASP A 240 33.65 -26.20 1.95
C ASP A 240 35.10 -26.39 2.40
N GLY A 241 35.95 -25.41 2.09
CA GLY A 241 37.36 -25.51 2.45
C GLY A 241 37.69 -24.94 3.82
N GLY A 242 36.68 -24.70 4.65
CA GLY A 242 36.95 -24.18 5.98
C GLY A 242 37.19 -22.68 5.98
N SER A 243 38.31 -22.25 5.40
CA SER A 243 38.62 -20.82 5.35
C SER A 243 38.07 -20.21 4.07
N GLN A 244 37.47 -21.04 3.23
CA GLN A 244 36.90 -20.57 1.97
C GLN A 244 36.03 -21.65 1.34
N VAL A 245 34.92 -21.25 0.73
CA VAL A 245 34.06 -22.22 0.08
C VAL A 245 34.25 -22.07 -1.43
N THR A 246 34.33 -23.21 -2.13
CA THR A 246 34.51 -23.17 -3.58
C THR A 246 33.28 -23.75 -4.28
N VAL A 247 32.68 -22.94 -5.13
CA VAL A 247 31.49 -23.36 -5.85
C VAL A 247 31.82 -23.51 -7.33
N THR A 248 31.84 -24.76 -7.80
CA THR A 248 32.11 -25.04 -9.20
C THR A 248 30.79 -24.91 -9.93
N VAL A 249 30.79 -24.08 -10.96
CA VAL A 249 29.58 -23.83 -11.72
C VAL A 249 29.88 -23.87 -13.21
N THR A 250 28.83 -24.09 -14.00
CA THR A 250 28.95 -24.16 -15.44
C THR A 250 28.04 -23.16 -16.16
N LYS A 251 28.66 -22.28 -16.94
CA LYS A 251 27.92 -21.30 -17.71
C LYS A 251 28.52 -21.18 -19.10
N ASP A 252 27.75 -21.56 -20.10
CA ASP A 252 28.17 -21.55 -21.50
C ASP A 252 29.09 -22.73 -21.78
N GLY A 253 28.66 -23.90 -21.33
CA GLY A 253 29.43 -25.11 -21.53
C GLY A 253 30.85 -25.05 -21.00
N VAL A 254 31.11 -24.08 -20.13
CA VAL A 254 32.44 -23.93 -19.54
C VAL A 254 32.38 -23.87 -18.03
N ALA A 255 33.04 -24.81 -17.38
CA ALA A 255 33.05 -24.84 -15.92
C ALA A 255 34.04 -23.81 -15.39
N GLN A 256 33.69 -23.21 -14.26
CA GLN A 256 34.55 -22.22 -13.61
C GLN A 256 34.32 -22.19 -12.10
N GLU A 257 35.28 -21.65 -11.36
CA GLU A 257 35.18 -21.60 -9.91
C GLU A 257 34.73 -20.25 -9.36
N LEU A 258 33.87 -20.29 -8.34
CA LEU A 258 33.41 -19.08 -7.68
C LEU A 258 33.80 -19.33 -6.22
N LYS A 259 34.42 -18.35 -5.57
CA LYS A 259 34.83 -18.52 -4.17
C LYS A 259 34.26 -17.45 -3.25
N ALA A 260 33.99 -17.83 -2.01
CA ALA A 260 33.46 -16.87 -1.04
C ALA A 260 33.64 -17.47 0.35
N GLU A 261 33.39 -16.65 1.37
CA GLU A 261 33.51 -17.09 2.75
C GLU A 261 32.35 -18.03 3.13
N LYS A 262 31.15 -17.76 2.61
CA LYS A 262 29.99 -18.63 2.88
C LYS A 262 29.19 -18.85 1.62
N VAL A 263 28.22 -19.76 1.72
CA VAL A 263 27.36 -20.06 0.59
C VAL A 263 25.97 -20.41 1.09
N LEU A 264 24.97 -19.67 0.62
CA LEU A 264 23.60 -19.93 1.02
C LEU A 264 22.89 -20.82 0.01
N GLN A 265 22.27 -21.90 0.49
CA GLN A 265 21.54 -22.82 -0.40
C GLN A 265 20.04 -22.54 -0.35
N ALA A 266 19.49 -22.02 -1.46
CA ALA A 266 18.08 -21.74 -1.50
C ALA A 266 17.52 -21.94 -2.90
N ILE A 267 17.71 -23.13 -3.46
CA ILE A 267 17.21 -23.38 -4.80
C ILE A 267 15.76 -23.82 -4.79
N GLY A 268 15.30 -24.30 -3.65
CA GLY A 268 13.92 -24.74 -3.57
C GLY A 268 13.59 -25.43 -2.28
N PHE A 269 12.33 -25.81 -2.11
CA PHE A 269 11.91 -26.49 -0.90
C PHE A 269 11.06 -27.70 -1.21
N ALA A 270 11.40 -28.83 -0.58
CA ALA A 270 10.66 -30.07 -0.78
C ALA A 270 9.73 -30.33 0.42
N PRO A 271 8.47 -30.68 0.14
CA PRO A 271 7.49 -30.96 1.19
C PRO A 271 7.97 -32.05 2.13
N ASN A 272 7.75 -31.87 3.43
CA ASN A 272 8.14 -32.86 4.43
C ASN A 272 7.10 -33.97 4.34
N VAL A 273 7.51 -35.15 3.88
CA VAL A 273 6.57 -36.27 3.72
C VAL A 273 7.05 -37.62 4.25
N GLU A 274 8.31 -37.71 4.67
CA GLU A 274 8.77 -38.98 5.19
C GLU A 274 9.26 -38.88 6.61
N GLY A 275 9.25 -40.01 7.31
CA GLY A 275 9.71 -40.03 8.68
C GLY A 275 8.61 -40.01 9.72
N TYR A 276 7.35 -39.92 9.28
CA TYR A 276 6.26 -39.89 10.25
C TYR A 276 5.08 -40.75 9.83
N GLY A 277 5.41 -41.92 9.30
CA GLY A 277 4.41 -42.89 8.88
C GLY A 277 3.23 -42.45 8.03
N LEU A 278 3.47 -41.66 6.98
CA LEU A 278 2.34 -41.27 6.15
C LEU A 278 1.70 -42.49 5.51
N ASP A 279 2.50 -43.49 5.23
CA ASP A 279 2.03 -44.73 4.62
C ASP A 279 1.15 -45.50 5.60
N LYS A 280 1.43 -45.36 6.90
CA LYS A 280 0.65 -46.02 7.94
C LYS A 280 -0.77 -45.45 7.91
N ALA A 281 -0.88 -44.18 7.52
CA ALA A 281 -2.18 -43.54 7.45
C ALA A 281 -2.76 -43.77 6.06
N GLY A 282 -1.91 -44.21 5.13
CA GLY A 282 -2.35 -44.48 3.78
C GLY A 282 -2.59 -43.22 2.96
N VAL A 283 -1.76 -42.21 3.18
CA VAL A 283 -1.89 -40.95 2.44
C VAL A 283 -1.00 -41.00 1.20
N ALA A 284 -1.61 -40.76 0.04
CA ALA A 284 -0.91 -40.80 -1.22
C ALA A 284 -0.17 -39.49 -1.55
N LEU A 285 0.93 -39.60 -2.27
CA LEU A 285 1.72 -38.44 -2.68
C LEU A 285 1.61 -38.27 -4.18
N THR A 286 1.86 -37.06 -4.66
CA THR A 286 1.81 -36.75 -6.08
C THR A 286 3.13 -37.16 -6.73
N ASP A 287 3.20 -37.03 -8.04
CA ASP A 287 4.42 -37.39 -8.75
C ASP A 287 5.56 -36.44 -8.38
N ARG A 288 5.21 -35.35 -7.67
CA ARG A 288 6.19 -34.35 -7.24
C ARG A 288 6.56 -34.55 -5.79
N LYS A 289 6.23 -35.73 -5.27
CA LYS A 289 6.51 -36.08 -3.89
C LYS A 289 5.88 -35.11 -2.90
N ALA A 290 4.65 -34.70 -3.17
CA ALA A 290 3.91 -33.80 -2.28
C ALA A 290 2.58 -34.48 -1.94
N ILE A 291 1.99 -34.17 -0.80
CA ILE A 291 0.72 -34.81 -0.45
C ILE A 291 -0.39 -34.37 -1.39
N GLY A 292 -1.01 -35.32 -2.08
CA GLY A 292 -2.08 -34.98 -2.99
C GLY A 292 -3.32 -34.51 -2.24
N VAL A 293 -4.02 -33.52 -2.81
CA VAL A 293 -5.24 -32.98 -2.23
C VAL A 293 -6.20 -32.41 -3.28
N ASP A 294 -7.48 -32.40 -2.93
CA ASP A 294 -8.50 -31.87 -3.83
C ASP A 294 -8.74 -30.41 -3.45
N ASP A 295 -9.67 -29.76 -4.13
CA ASP A 295 -9.95 -28.36 -3.84
C ASP A 295 -10.33 -28.07 -2.39
N TYR A 296 -10.41 -29.10 -1.57
CA TYR A 296 -10.75 -28.92 -0.15
C TYR A 296 -9.66 -29.41 0.79
N MSE A 297 -8.44 -29.51 0.27
CA MSE A 297 -7.27 -29.94 1.03
C MSE A 297 -7.48 -31.36 1.54
O MSE A 297 -6.81 -31.82 2.48
CB MSE A 297 -7.04 -28.98 2.20
CG MSE A 297 -6.87 -27.54 1.77
SE MSE A 297 -5.47 -27.38 0.40
CE MSE A 297 -6.52 -26.59 -1.03
N ARG A 298 -8.40 -32.08 0.89
CA ARG A 298 -8.70 -33.44 1.26
C ARG A 298 -7.78 -34.42 0.55
N THR A 299 -7.14 -35.29 1.32
CA THR A 299 -6.23 -36.29 0.74
C THR A 299 -7.05 -37.46 0.24
N ASN A 300 -6.36 -38.52 -0.21
CA ASN A 300 -7.03 -39.71 -0.69
C ASN A 300 -7.82 -40.34 0.45
N VAL A 301 -7.41 -40.04 1.69
CA VAL A 301 -8.10 -40.54 2.87
C VAL A 301 -9.15 -39.49 3.28
N GLY A 302 -10.41 -39.85 3.19
CA GLY A 302 -11.49 -38.95 3.53
C GLY A 302 -11.37 -37.97 4.70
N HIS A 303 -10.99 -38.46 5.88
CA HIS A 303 -10.90 -37.59 7.05
C HIS A 303 -9.52 -36.99 7.28
N ILE A 304 -8.65 -37.11 6.30
CA ILE A 304 -7.31 -36.57 6.41
C ILE A 304 -7.06 -35.47 5.39
N TYR A 305 -6.74 -34.28 5.90
CA TYR A 305 -6.47 -33.11 5.07
C TYR A 305 -5.00 -32.70 5.15
N ALA A 306 -4.51 -32.04 4.11
CA ALA A 306 -3.13 -31.55 4.07
C ALA A 306 -3.17 -30.12 3.58
N ILE A 307 -2.54 -29.23 4.33
CA ILE A 307 -2.52 -27.83 3.97
C ILE A 307 -1.11 -27.33 4.08
N GLY A 308 -0.85 -26.18 3.48
CA GLY A 308 0.47 -25.59 3.55
C GLY A 308 1.44 -26.09 2.51
N ASP A 309 2.72 -25.82 2.75
CA ASP A 309 3.78 -26.22 1.83
C ASP A 309 3.79 -27.72 1.57
N VAL A 310 3.34 -28.49 2.56
CA VAL A 310 3.31 -29.94 2.45
C VAL A 310 2.58 -30.44 1.19
N ASN A 311 1.65 -29.65 0.67
CA ASN A 311 0.95 -30.06 -0.54
C ASN A 311 1.58 -29.42 -1.77
N GLY A 312 2.57 -28.56 -1.52
CA GLY A 312 3.31 -27.90 -2.60
C GLY A 312 2.55 -27.13 -3.66
N LEU A 313 1.31 -26.74 -3.37
CA LEU A 313 0.51 -25.98 -4.33
C LEU A 313 1.09 -24.59 -4.58
N LEU A 314 1.28 -23.85 -3.50
CA LEU A 314 1.84 -22.50 -3.52
C LEU A 314 2.44 -22.30 -2.13
N GLN A 315 3.75 -22.54 -2.02
CA GLN A 315 4.45 -22.45 -0.74
C GLN A 315 4.62 -21.05 -0.15
N LEU A 316 3.54 -20.52 0.42
CA LEU A 316 3.56 -19.20 1.03
C LEU A 316 2.71 -19.22 2.30
N ALA A 317 2.93 -18.23 3.17
CA ALA A 317 2.22 -18.18 4.44
C ALA A 317 0.72 -17.94 4.36
N HIS A 318 0.32 -16.94 3.57
CA HIS A 318 -1.11 -16.66 3.46
C HIS A 318 -1.84 -17.85 2.84
N VAL A 319 -1.20 -18.54 1.90
CA VAL A 319 -1.80 -19.70 1.26
C VAL A 319 -2.11 -20.76 2.31
N ALA A 320 -1.11 -21.07 3.12
CA ALA A 320 -1.26 -22.07 4.18
C ALA A 320 -2.42 -21.71 5.09
N GLU A 321 -2.52 -20.45 5.49
CA GLU A 321 -3.60 -20.04 6.37
C GLU A 321 -4.94 -20.22 5.67
N ALA A 322 -5.03 -19.75 4.43
CA ALA A 322 -6.26 -19.86 3.67
C ALA A 322 -6.70 -21.32 3.51
N GLN A 323 -5.74 -22.23 3.31
CA GLN A 323 -6.07 -23.64 3.16
C GLN A 323 -6.53 -24.23 4.50
N GLY A 324 -5.92 -23.77 5.58
CA GLY A 324 -6.28 -24.26 6.90
C GLY A 324 -7.75 -23.98 7.17
N VAL A 325 -8.19 -22.78 6.81
CA VAL A 325 -9.58 -22.40 7.01
C VAL A 325 -10.49 -23.33 6.20
N VAL A 326 -10.22 -23.47 4.91
CA VAL A 326 -11.04 -24.34 4.08
C VAL A 326 -11.08 -25.75 4.67
N ALA A 327 -9.93 -26.24 5.14
CA ALA A 327 -9.88 -27.57 5.73
C ALA A 327 -10.79 -27.66 6.96
N ALA A 328 -10.46 -26.88 7.98
CA ALA A 328 -11.23 -26.86 9.22
C ALA A 328 -12.73 -26.66 8.97
N GLU A 329 -13.05 -25.77 8.04
CA GLU A 329 -14.44 -25.49 7.69
C GLU A 329 -15.12 -26.69 7.06
N THR A 330 -14.39 -27.39 6.19
CA THR A 330 -14.94 -28.56 5.53
C THR A 330 -15.23 -29.66 6.53
N ILE A 331 -14.29 -29.88 7.44
CA ILE A 331 -14.44 -30.89 8.48
C ILE A 331 -15.67 -30.56 9.31
N ALA A 332 -15.69 -29.36 9.89
CA ALA A 332 -16.80 -28.93 10.72
C ALA A 332 -18.13 -28.91 9.95
N GLY A 333 -18.06 -28.94 8.62
CA GLY A 333 -19.28 -28.93 7.84
C GLY A 333 -19.94 -27.57 7.77
N ALA A 334 -19.13 -26.51 7.81
CA ALA A 334 -19.63 -25.12 7.74
C ALA A 334 -19.50 -24.62 6.30
N GLU A 335 -20.25 -23.57 5.95
CA GLU A 335 -20.17 -23.02 4.60
C GLU A 335 -18.75 -22.51 4.32
N THR A 336 -18.18 -22.91 3.19
CA THR A 336 -16.83 -22.48 2.85
C THR A 336 -16.74 -22.13 1.37
N LEU A 337 -15.52 -21.89 0.91
CA LEU A 337 -15.29 -21.56 -0.49
C LEU A 337 -13.90 -22.00 -0.89
N THR A 338 -13.80 -22.83 -1.92
CA THR A 338 -12.51 -23.29 -2.38
C THR A 338 -11.69 -22.10 -2.87
N LEU A 339 -10.39 -22.15 -2.66
CA LEU A 339 -9.51 -21.06 -3.08
C LEU A 339 -9.50 -20.92 -4.59
N GLY A 340 -9.72 -22.05 -5.28
CA GLY A 340 -9.72 -22.04 -6.73
C GLY A 340 -8.32 -22.24 -7.30
N ASP A 341 -8.10 -21.74 -8.52
CA ASP A 341 -6.79 -21.88 -9.15
C ASP A 341 -5.74 -21.12 -8.35
N HIS A 342 -4.93 -21.88 -7.62
CA HIS A 342 -3.88 -21.31 -6.80
C HIS A 342 -2.94 -20.35 -7.52
N ARG A 343 -2.96 -20.38 -8.85
CA ARG A 343 -2.09 -19.48 -9.61
C ARG A 343 -2.58 -18.04 -9.49
N MSE A 344 -3.86 -17.87 -9.20
CA MSE A 344 -4.46 -16.54 -9.06
C MSE A 344 -4.15 -15.92 -7.70
O MSE A 344 -4.36 -14.73 -7.48
CB MSE A 344 -5.98 -16.62 -9.24
CG MSE A 344 -6.42 -17.12 -10.61
SE MSE A 344 -5.80 -16.00 -12.08
CE MSE A 344 -4.70 -17.30 -13.00
N LEU A 345 -3.66 -16.73 -6.77
CA LEU A 345 -3.32 -16.23 -5.45
C LEU A 345 -2.13 -15.30 -5.55
N PRO A 346 -2.07 -14.26 -4.70
CA PRO A 346 -1.01 -13.24 -4.66
C PRO A 346 0.25 -13.72 -3.98
N ARG A 347 1.37 -13.07 -4.32
CA ARG A 347 2.70 -13.36 -3.77
C ARG A 347 3.48 -12.06 -3.84
N ALA A 348 4.56 -11.98 -3.06
CA ALA A 348 5.38 -10.77 -3.08
C ALA A 348 6.79 -10.96 -2.53
N THR A 349 7.71 -10.20 -3.09
CA THR A 349 9.10 -10.23 -2.67
C THR A 349 9.34 -8.90 -1.99
N PHE A 350 9.77 -8.97 -0.73
CA PHE A 350 9.95 -7.75 0.03
C PHE A 350 11.32 -7.09 0.06
N CYS A 351 11.95 -7.00 -1.09
CA CYS A 351 13.22 -6.30 -1.16
C CYS A 351 12.76 -4.96 -1.69
N GLN A 352 13.66 -4.00 -1.80
CA GLN A 352 13.25 -2.70 -2.32
C GLN A 352 13.98 -2.47 -3.64
N PRO A 353 13.22 -2.20 -4.71
CA PRO A 353 11.75 -2.14 -4.70
C PRO A 353 11.13 -3.52 -4.55
N ASN A 354 9.88 -3.55 -4.09
CA ASN A 354 9.13 -4.79 -3.89
C ASN A 354 8.73 -5.36 -5.24
N VAL A 355 8.25 -6.60 -5.19
CA VAL A 355 7.76 -7.28 -6.36
C VAL A 355 6.48 -7.91 -5.84
N ALA A 356 5.37 -7.62 -6.52
CA ALA A 356 4.06 -8.14 -6.17
C ALA A 356 3.42 -8.65 -7.45
N SER A 357 2.71 -9.76 -7.38
CA SER A 357 2.09 -10.31 -8.55
C SER A 357 1.01 -11.35 -8.22
N PHE A 358 0.24 -11.71 -9.23
CA PHE A 358 -0.83 -12.70 -9.08
C PHE A 358 -1.26 -13.12 -10.48
N GLY A 359 -1.88 -14.28 -10.56
CA GLY A 359 -2.38 -14.77 -11.85
C GLY A 359 -1.30 -15.23 -12.80
N LEU A 360 -1.61 -15.16 -14.08
CA LEU A 360 -0.70 -15.59 -15.13
C LEU A 360 0.19 -14.46 -15.62
N THR A 361 1.36 -14.81 -16.11
CA THR A 361 2.27 -13.82 -16.66
C THR A 361 1.80 -13.59 -18.09
N GLU A 362 2.30 -12.54 -18.74
CA GLU A 362 1.87 -12.26 -20.12
C GLU A 362 2.07 -13.49 -21.00
N GLN A 363 3.28 -14.04 -21.01
CA GLN A 363 3.55 -15.20 -21.85
C GLN A 363 2.68 -16.41 -21.53
N GLN A 364 2.41 -16.63 -20.24
CA GLN A 364 1.59 -17.76 -19.83
C GLN A 364 0.16 -17.59 -20.34
N ALA A 365 -0.40 -16.40 -20.13
CA ALA A 365 -1.76 -16.14 -20.58
C ALA A 365 -1.86 -16.36 -22.10
N ARG A 366 -0.79 -16.05 -22.84
CA ARG A 366 -0.83 -16.25 -24.28
C ARG A 366 -0.77 -17.74 -24.62
N ASN A 367 0.23 -18.43 -24.07
CA ASN A 367 0.40 -19.86 -24.29
C ASN A 367 -0.86 -20.67 -24.01
N GLU A 368 -1.72 -20.15 -23.14
CA GLU A 368 -2.97 -20.82 -22.81
C GLU A 368 -4.13 -20.39 -23.70
N GLY A 369 -3.81 -19.76 -24.82
CA GLY A 369 -4.83 -19.35 -25.76
C GLY A 369 -5.85 -18.31 -25.31
N TYR A 370 -5.41 -17.32 -24.55
CA TYR A 370 -6.32 -16.26 -24.11
C TYR A 370 -6.17 -15.09 -25.07
N ASP A 371 -7.19 -14.26 -25.16
CA ASP A 371 -7.15 -13.10 -26.02
C ASP A 371 -6.49 -12.02 -25.17
N VAL A 372 -5.18 -12.18 -24.97
CA VAL A 372 -4.40 -11.28 -24.13
C VAL A 372 -4.43 -9.78 -24.44
N VAL A 373 -4.60 -9.00 -23.36
CA VAL A 373 -4.61 -7.54 -23.43
C VAL A 373 -3.74 -7.07 -22.26
N VAL A 374 -2.73 -6.26 -22.55
CA VAL A 374 -1.82 -5.79 -21.52
C VAL A 374 -1.83 -4.28 -21.36
N ALA A 375 -1.53 -3.82 -20.15
CA ALA A 375 -1.47 -2.40 -19.87
C ALA A 375 -0.35 -2.16 -18.88
N LYS A 376 0.67 -1.43 -19.31
CA LYS A 376 1.80 -1.14 -18.44
C LYS A 376 1.79 0.34 -18.10
N PHE A 377 2.23 0.65 -16.89
CA PHE A 377 2.30 2.03 -16.43
C PHE A 377 3.53 2.20 -15.54
N PRO A 378 4.42 3.15 -15.89
CA PRO A 378 5.64 3.41 -15.13
C PRO A 378 5.40 4.29 -13.92
N PHE A 379 6.18 4.08 -12.88
CA PHE A 379 6.02 4.89 -11.69
C PHE A 379 6.65 6.27 -11.83
N THR A 380 7.43 6.48 -12.89
CA THR A 380 8.05 7.79 -13.09
C THR A 380 6.95 8.78 -13.47
N ALA A 381 5.77 8.24 -13.75
CA ALA A 381 4.62 9.04 -14.13
C ALA A 381 3.61 9.05 -12.97
N ASN A 382 4.09 8.67 -11.79
CA ASN A 382 3.26 8.63 -10.59
C ASN A 382 3.76 9.65 -9.57
N ALA A 383 2.87 10.56 -9.18
CA ALA A 383 3.19 11.62 -8.22
C ALA A 383 3.72 11.11 -6.89
N LYS A 384 3.02 10.18 -6.26
CA LYS A 384 3.47 9.67 -4.97
C LYS A 384 4.88 9.08 -5.04
N ALA A 385 5.13 8.30 -6.09
CA ALA A 385 6.43 7.66 -6.29
C ALA A 385 7.57 8.68 -6.23
N HIS A 386 7.41 9.82 -6.88
CA HIS A 386 8.45 10.85 -6.83
C HIS A 386 8.58 11.39 -5.41
N GLY A 387 7.43 11.66 -4.79
CA GLY A 387 7.43 12.18 -3.44
C GLY A 387 8.20 11.31 -2.46
N VAL A 388 8.10 9.98 -2.64
CA VAL A 388 8.78 9.04 -1.76
C VAL A 388 10.27 8.90 -2.10
N GLY A 389 10.65 9.38 -3.28
CA GLY A 389 12.04 9.31 -3.70
C GLY A 389 12.45 8.01 -4.35
N ASP A 390 11.52 7.39 -5.07
CA ASP A 390 11.77 6.13 -5.75
C ASP A 390 10.73 5.88 -6.82
N PRO A 391 10.88 6.55 -7.98
CA PRO A 391 9.95 6.42 -9.10
C PRO A 391 10.25 5.23 -9.99
N SER A 392 11.02 4.27 -9.48
CA SER A 392 11.34 3.12 -10.30
C SER A 392 10.22 2.09 -10.31
N GLY A 393 10.27 1.19 -11.29
CA GLY A 393 9.27 0.14 -11.38
C GLY A 393 8.09 0.45 -12.26
N PHE A 394 7.11 -0.46 -12.22
CA PHE A 394 5.92 -0.31 -13.05
C PHE A 394 4.82 -1.26 -12.60
N VAL A 395 3.66 -1.07 -13.21
CA VAL A 395 2.51 -1.90 -12.91
C VAL A 395 2.06 -2.49 -14.23
N LYS A 396 2.16 -3.81 -14.36
CA LYS A 396 1.74 -4.47 -15.60
C LYS A 396 0.53 -5.33 -15.35
N LEU A 397 -0.54 -5.06 -16.08
CA LEU A 397 -1.74 -5.87 -15.93
C LEU A 397 -2.00 -6.64 -17.21
N VAL A 398 -2.53 -7.84 -17.07
CA VAL A 398 -2.85 -8.66 -18.23
C VAL A 398 -4.28 -9.16 -18.03
N ALA A 399 -5.12 -8.94 -19.02
CA ALA A 399 -6.53 -9.34 -18.96
C ALA A 399 -7.00 -10.02 -20.25
N ASP A 400 -8.16 -10.65 -20.19
CA ASP A 400 -8.70 -11.29 -21.39
C ASP A 400 -9.61 -10.29 -22.10
N ALA A 401 -9.52 -10.24 -23.42
CA ALA A 401 -10.31 -9.32 -24.24
C ALA A 401 -11.83 -9.57 -24.23
N LYS A 402 -12.23 -10.80 -23.96
CA LYS A 402 -13.65 -11.16 -23.94
C LYS A 402 -14.50 -10.17 -23.15
N HIS A 403 -14.27 -10.11 -21.84
CA HIS A 403 -15.03 -9.20 -21.01
C HIS A 403 -14.17 -8.27 -20.16
N GLY A 404 -12.86 -8.30 -20.41
CA GLY A 404 -11.97 -7.44 -19.64
C GLY A 404 -11.69 -8.06 -18.29
N GLU A 405 -11.78 -9.39 -18.23
CA GLU A 405 -11.51 -10.12 -16.99
C GLU A 405 -10.00 -10.15 -16.75
N LEU A 406 -9.59 -9.97 -15.50
CA LEU A 406 -8.18 -10.00 -15.16
C LEU A 406 -7.65 -11.42 -15.18
N LEU A 407 -6.45 -11.59 -15.73
CA LEU A 407 -5.78 -12.89 -15.79
C LEU A 407 -4.53 -12.83 -14.92
N GLY A 408 -3.90 -11.67 -14.86
CA GLY A 408 -2.70 -11.53 -14.05
C GLY A 408 -2.27 -10.11 -13.75
N GLY A 409 -1.56 -9.94 -12.63
CA GLY A 409 -1.08 -8.64 -12.22
C GLY A 409 0.39 -8.74 -11.82
N HIS A 410 1.22 -7.87 -12.36
CA HIS A 410 2.64 -7.91 -12.05
C HIS A 410 3.19 -6.50 -11.81
N LEU A 411 3.52 -6.21 -10.56
CA LEU A 411 4.01 -4.90 -10.20
C LEU A 411 5.41 -4.95 -9.58
N VAL A 412 6.10 -3.83 -9.66
CA VAL A 412 7.43 -3.71 -9.08
C VAL A 412 7.60 -2.24 -8.71
N GLY A 413 7.93 -1.99 -7.45
CA GLY A 413 8.09 -0.63 -6.99
C GLY A 413 8.00 -0.49 -5.48
N HIS A 414 8.01 0.74 -4.99
CA HIS A 414 7.94 1.00 -3.56
C HIS A 414 6.74 0.32 -2.88
N ASP A 415 7.05 -0.62 -1.98
CA ASP A 415 6.03 -1.36 -1.23
C ASP A 415 4.75 -1.65 -2.00
N VAL A 416 4.89 -2.10 -3.25
CA VAL A 416 3.74 -2.40 -4.07
C VAL A 416 3.02 -3.66 -3.61
N ALA A 417 3.65 -4.39 -2.71
CA ALA A 417 3.05 -5.60 -2.19
C ALA A 417 1.68 -5.31 -1.56
N GLU A 418 1.43 -4.03 -1.23
CA GLU A 418 0.17 -3.63 -0.61
C GLU A 418 -0.92 -3.28 -1.63
N LEU A 419 -0.58 -3.37 -2.91
CA LEU A 419 -1.53 -3.00 -3.95
C LEU A 419 -2.26 -4.16 -4.60
N LEU A 420 -2.01 -5.37 -4.13
CA LEU A 420 -2.65 -6.51 -4.72
C LEU A 420 -4.14 -6.70 -4.40
N PRO A 421 -4.55 -6.48 -3.14
CA PRO A 421 -5.93 -6.64 -2.70
C PRO A 421 -7.05 -6.39 -3.72
N GLU A 422 -7.10 -5.19 -4.27
CA GLU A 422 -8.10 -4.82 -5.25
C GLU A 422 -8.11 -5.71 -6.48
N LEU A 423 -6.92 -6.07 -6.93
CA LEU A 423 -6.77 -6.91 -8.10
C LEU A 423 -7.29 -8.33 -7.88
N THR A 424 -6.89 -8.95 -6.78
CA THR A 424 -7.33 -10.32 -6.52
C THR A 424 -8.81 -10.39 -6.19
N LEU A 425 -9.31 -9.33 -5.58
CA LEU A 425 -10.72 -9.30 -5.22
C LEU A 425 -11.54 -9.29 -6.50
N ALA A 426 -11.13 -8.46 -7.46
CA ALA A 426 -11.84 -8.34 -8.73
C ALA A 426 -11.78 -9.65 -9.50
N GLN A 427 -10.61 -10.27 -9.54
CA GLN A 427 -10.45 -11.50 -10.27
C GLN A 427 -11.25 -12.63 -9.61
N ARG A 428 -11.27 -12.64 -8.29
CA ARG A 428 -11.98 -13.65 -7.53
C ARG A 428 -13.51 -13.48 -7.64
N TRP A 429 -13.98 -12.24 -7.75
CA TRP A 429 -15.42 -12.01 -7.85
C TRP A 429 -15.93 -11.46 -9.19
N ASP A 430 -15.35 -11.97 -10.27
CA ASP A 430 -15.73 -11.60 -11.63
C ASP A 430 -15.93 -10.11 -11.96
N LEU A 431 -15.13 -9.24 -11.35
CA LEU A 431 -15.21 -7.81 -11.65
C LEU A 431 -14.22 -7.60 -12.78
N THR A 432 -14.62 -6.90 -13.84
CA THR A 432 -13.73 -6.67 -14.99
C THR A 432 -13.00 -5.33 -14.96
N ALA A 433 -12.24 -5.05 -16.02
CA ALA A 433 -11.49 -3.81 -16.13
C ALA A 433 -12.43 -2.63 -16.13
N SER A 434 -13.62 -2.84 -16.67
CA SER A 434 -14.61 -1.80 -16.76
C SER A 434 -15.14 -1.38 -15.39
N GLU A 435 -15.30 -2.32 -14.48
CA GLU A 435 -15.78 -1.96 -13.16
C GLU A 435 -14.61 -1.39 -12.38
N LEU A 436 -13.43 -1.94 -12.60
CA LEU A 436 -12.23 -1.48 -11.91
C LEU A 436 -11.84 -0.07 -12.31
N ALA A 437 -12.10 0.29 -13.57
CA ALA A 437 -11.77 1.63 -14.05
C ALA A 437 -12.71 2.69 -13.48
N ARG A 438 -13.82 2.27 -12.90
CA ARG A 438 -14.76 3.21 -12.32
C ARG A 438 -14.55 3.37 -10.82
N ASN A 439 -13.49 2.78 -10.29
CA ASN A 439 -13.22 2.89 -8.86
C ASN A 439 -12.20 4.00 -8.67
N VAL A 440 -12.62 5.09 -8.02
CA VAL A 440 -11.72 6.22 -7.80
C VAL A 440 -10.65 5.91 -6.76
N HIS A 441 -9.42 6.30 -7.07
CA HIS A 441 -8.30 6.07 -6.16
C HIS A 441 -7.77 7.37 -5.57
N THR A 442 -7.54 7.36 -4.26
CA THR A 442 -7.03 8.53 -3.53
C THR A 442 -5.74 9.05 -4.16
N HIS A 443 -5.64 10.37 -4.24
CA HIS A 443 -4.45 11.00 -4.81
C HIS A 443 -3.69 11.78 -3.73
N PRO A 444 -2.35 11.69 -3.73
CA PRO A 444 -1.51 10.93 -4.65
C PRO A 444 -1.01 9.62 -4.01
N THR A 445 -1.33 8.49 -4.62
CA THR A 445 -0.92 7.20 -4.10
C THR A 445 -0.32 6.30 -5.18
N MSE A 446 0.36 5.24 -4.77
CA MSE A 446 0.96 4.30 -5.71
C MSE A 446 -0.17 3.59 -6.45
O MSE A 446 -0.06 3.25 -7.63
CB MSE A 446 1.77 3.23 -4.98
CG MSE A 446 2.92 3.74 -4.11
SE MSE A 446 4.42 4.39 -5.15
CE MSE A 446 5.31 2.69 -5.56
N SER A 447 -1.29 3.38 -5.74
CA SER A 447 -2.43 2.68 -6.33
C SER A 447 -2.99 3.37 -7.56
N GLU A 448 -2.65 4.64 -7.76
CA GLU A 448 -3.14 5.35 -8.93
C GLU A 448 -2.57 4.70 -10.18
N ALA A 449 -1.46 3.99 -10.01
CA ALA A 449 -0.86 3.32 -11.15
C ALA A 449 -1.82 2.25 -11.64
N LEU A 450 -2.47 1.56 -10.71
CA LEU A 450 -3.42 0.53 -11.09
C LEU A 450 -4.55 1.15 -11.91
N GLN A 451 -5.05 2.26 -11.38
CA GLN A 451 -6.14 2.97 -12.01
C GLN A 451 -5.83 3.33 -13.46
N GLU A 452 -4.59 3.70 -13.74
CA GLU A 452 -4.22 4.06 -15.10
C GLU A 452 -4.26 2.80 -15.96
N CYS A 453 -3.67 1.72 -15.46
CA CYS A 453 -3.68 0.48 -16.19
C CYS A 453 -5.10 0.06 -16.53
N PHE A 454 -6.01 0.21 -15.58
CA PHE A 454 -7.41 -0.14 -15.78
C PHE A 454 -7.93 0.64 -16.98
N HIS A 455 -7.64 1.92 -17.02
CA HIS A 455 -8.08 2.75 -18.12
C HIS A 455 -7.48 2.31 -19.44
N GLY A 456 -6.18 2.07 -19.45
CA GLY A 456 -5.52 1.66 -20.67
C GLY A 456 -5.93 0.27 -21.11
N LEU A 457 -6.73 -0.37 -20.26
CA LEU A 457 -7.18 -1.72 -20.54
C LEU A 457 -8.55 -1.64 -21.19
N VAL A 458 -9.36 -0.70 -20.72
CA VAL A 458 -10.69 -0.50 -21.24
C VAL A 458 -10.65 0.34 -22.50
N GLY A 459 -9.54 1.03 -22.71
CA GLY A 459 -9.42 1.87 -23.88
C GLY A 459 -8.15 2.67 -23.87
N HIS A 460 -8.21 3.89 -23.33
CA HIS A 460 -7.03 4.76 -23.27
C HIS A 460 -6.76 5.24 -21.84
N MSE A 461 -5.48 5.38 -21.50
CA MSE A 461 -5.09 5.86 -20.17
C MSE A 461 -5.40 7.34 -20.10
O MSE A 461 -6.19 7.86 -20.90
CB MSE A 461 -3.60 5.65 -19.92
CG MSE A 461 -3.16 4.20 -19.97
SE MSE A 461 -1.28 3.97 -19.53
CE MSE A 461 -1.44 2.46 -18.33
N ILE A 462 -4.77 8.03 -19.16
CA ILE A 462 -4.97 9.47 -19.01
C ILE A 462 -3.65 10.20 -18.81
N ASN A 463 -2.89 9.80 -17.78
CA ASN A 463 -1.60 10.44 -17.49
C ASN A 463 -0.39 9.78 -18.15
N PHE A 464 -0.53 9.38 -19.41
CA PHE A 464 0.57 8.73 -20.14
C PHE A 464 0.29 8.60 -21.64
N MSE B 1 -14.52 34.41 -32.42
CA MSE B 1 -13.25 34.13 -33.14
C MSE B 1 -13.13 32.61 -33.20
O MSE B 1 -14.06 31.94 -33.64
CB MSE B 1 -12.07 34.75 -32.38
CG MSE B 1 -10.81 34.98 -33.19
SE MSE B 1 -9.53 36.01 -32.15
CE MSE B 1 -10.04 37.80 -32.66
N THR B 2 -12.00 32.06 -32.74
CA THR B 2 -11.80 30.61 -32.75
C THR B 2 -12.94 29.89 -32.03
N HIS B 3 -13.27 28.70 -32.52
CA HIS B 3 -14.35 27.89 -31.96
C HIS B 3 -13.86 26.48 -31.63
N TYR B 4 -14.45 25.86 -30.61
CA TYR B 4 -14.07 24.51 -30.23
C TYR B 4 -15.28 23.73 -29.73
N ASP B 5 -15.25 22.41 -29.90
CA ASP B 5 -16.36 21.59 -29.43
C ASP B 5 -16.46 21.75 -27.91
N VAL B 6 -15.31 21.78 -27.24
CA VAL B 6 -15.29 21.94 -25.79
C VAL B 6 -14.15 22.83 -25.34
N VAL B 7 -14.41 23.68 -24.36
CA VAL B 7 -13.38 24.57 -23.81
C VAL B 7 -13.39 24.47 -22.28
N VAL B 8 -12.24 24.22 -21.69
CA VAL B 8 -12.14 24.09 -20.25
C VAL B 8 -11.49 25.32 -19.61
N LEU B 9 -12.07 25.80 -18.53
CA LEU B 9 -11.53 26.96 -17.86
C LEU B 9 -10.74 26.51 -16.66
N GLY B 10 -9.41 26.44 -16.81
CA GLY B 10 -8.57 26.00 -15.72
C GLY B 10 -7.85 24.72 -16.11
N ALA B 11 -6.55 24.65 -15.81
CA ALA B 11 -5.74 23.49 -16.13
C ALA B 11 -5.30 22.74 -14.88
N GLY B 12 -6.19 22.67 -13.89
CA GLY B 12 -5.87 21.96 -12.67
C GLY B 12 -6.14 20.49 -12.89
N PRO B 13 -5.96 19.64 -11.87
CA PRO B 13 -6.21 18.20 -12.01
C PRO B 13 -7.54 17.91 -12.74
N GLY B 14 -8.57 18.69 -12.43
CA GLY B 14 -9.86 18.47 -13.06
C GLY B 14 -9.91 18.97 -14.49
N GLY B 15 -9.35 20.14 -14.72
CA GLY B 15 -9.37 20.71 -16.04
C GLY B 15 -8.56 19.97 -17.08
N TYR B 16 -7.29 19.71 -16.81
CA TYR B 16 -6.48 19.04 -17.81
C TYR B 16 -6.90 17.59 -18.03
N VAL B 17 -7.55 16.98 -17.03
CA VAL B 17 -7.98 15.61 -17.24
C VAL B 17 -9.27 15.61 -18.05
N ALA B 18 -10.19 16.50 -17.72
CA ALA B 18 -11.42 16.56 -18.48
C ALA B 18 -11.07 16.86 -19.94
N ALA B 19 -10.06 17.70 -20.15
CA ALA B 19 -9.63 18.04 -21.50
C ALA B 19 -9.13 16.80 -22.23
N ILE B 20 -8.34 16.00 -21.54
CA ILE B 20 -7.80 14.78 -22.12
C ILE B 20 -8.92 13.84 -22.49
N ARG B 21 -9.87 13.64 -21.58
CA ARG B 21 -10.99 12.73 -21.85
C ARG B 21 -11.79 13.22 -23.04
N ALA B 22 -11.94 14.53 -23.14
CA ALA B 22 -12.69 15.12 -24.23
C ALA B 22 -11.95 14.84 -25.54
N ALA B 23 -10.63 14.99 -25.50
CA ALA B 23 -9.83 14.73 -26.69
C ALA B 23 -9.89 13.26 -27.07
N GLN B 24 -9.87 12.39 -26.07
CA GLN B 24 -9.92 10.95 -26.34
C GLN B 24 -11.23 10.56 -26.98
N LEU B 25 -12.25 11.40 -26.82
CA LEU B 25 -13.55 11.11 -27.40
C LEU B 25 -13.76 11.85 -28.72
N GLY B 26 -12.67 12.27 -29.36
CA GLY B 26 -12.79 12.96 -30.63
C GLY B 26 -13.45 14.33 -30.62
N LEU B 27 -13.32 15.06 -29.50
CA LEU B 27 -13.90 16.38 -29.39
C LEU B 27 -12.85 17.48 -29.45
N SER B 28 -13.09 18.49 -30.31
CA SER B 28 -12.17 19.61 -30.46
C SER B 28 -12.11 20.33 -29.12
N THR B 29 -10.96 20.26 -28.46
CA THR B 29 -10.82 20.88 -27.14
C THR B 29 -9.69 21.88 -26.98
N ALA B 30 -9.92 22.86 -26.10
CA ALA B 30 -8.93 23.88 -25.81
C ALA B 30 -8.99 24.13 -24.31
N ILE B 31 -7.86 24.49 -23.71
CA ILE B 31 -7.83 24.75 -22.27
C ILE B 31 -7.22 26.11 -21.97
N VAL B 32 -7.89 26.86 -21.11
CA VAL B 32 -7.43 28.20 -20.76
C VAL B 32 -6.85 28.28 -19.35
N GLU B 33 -5.57 28.63 -19.26
CA GLU B 33 -4.90 28.74 -17.97
C GLU B 33 -3.86 29.87 -18.04
N PRO B 34 -3.87 30.74 -17.03
CA PRO B 34 -2.94 31.87 -16.98
C PRO B 34 -1.66 31.63 -16.18
N LYS B 35 -1.77 30.85 -15.12
CA LYS B 35 -0.63 30.60 -14.25
C LYS B 35 -0.23 29.15 -14.03
N TYR B 36 -0.97 28.48 -13.16
CA TYR B 36 -0.69 27.10 -12.79
C TYR B 36 -1.14 25.94 -13.67
N TRP B 37 -0.26 25.45 -14.53
CA TRP B 37 -0.59 24.31 -15.37
C TRP B 37 -0.44 23.08 -14.47
N GLY B 38 -1.55 22.47 -14.10
CA GLY B 38 -1.52 21.34 -13.20
C GLY B 38 -2.21 21.80 -11.93
N GLY B 39 -2.70 23.05 -11.98
CA GLY B 39 -3.41 23.66 -10.87
C GLY B 39 -2.61 23.87 -9.59
N VAL B 40 -3.30 23.91 -8.46
CA VAL B 40 -2.63 24.09 -7.16
C VAL B 40 -1.93 22.78 -6.79
N CYS B 41 -2.63 21.67 -7.02
CA CYS B 41 -2.13 20.33 -6.72
C CYS B 41 -0.70 20.07 -7.16
N LEU B 42 -0.44 20.17 -8.46
CA LEU B 42 0.89 19.91 -9.01
C LEU B 42 1.92 20.96 -8.68
N ASN B 43 1.52 22.22 -8.78
CA ASN B 43 2.43 23.34 -8.53
C ASN B 43 2.75 23.69 -7.09
N VAL B 44 1.72 23.80 -6.25
CA VAL B 44 1.94 24.20 -4.87
C VAL B 44 1.08 23.47 -3.83
N GLY B 45 0.61 22.27 -4.16
CA GLY B 45 -0.22 21.52 -3.23
C GLY B 45 0.11 20.05 -3.06
N CYS B 46 -0.76 19.16 -3.56
CA CYS B 46 -0.54 17.71 -3.44
C CYS B 46 0.94 17.31 -3.59
N ILE B 47 1.38 17.36 -4.84
CA ILE B 47 2.74 17.00 -5.24
C ILE B 47 3.86 17.55 -4.35
N PRO B 48 4.06 18.86 -4.35
CA PRO B 48 5.14 19.36 -3.50
C PRO B 48 5.06 18.96 -2.03
N SER B 49 3.88 19.07 -1.41
CA SER B 49 3.75 18.71 0.00
C SER B 49 4.14 17.26 0.29
N LYS B 50 3.62 16.32 -0.50
CA LYS B 50 3.96 14.91 -0.29
C LYS B 50 5.49 14.71 -0.30
N ALA B 51 6.19 15.54 -1.05
CA ALA B 51 7.64 15.42 -1.11
C ALA B 51 8.22 15.82 0.24
N LEU B 52 7.81 16.99 0.75
CA LEU B 52 8.29 17.46 2.04
C LEU B 52 7.89 16.50 3.15
N LEU B 53 6.67 15.97 3.05
CA LEU B 53 6.18 15.03 4.05
C LEU B 53 7.15 13.86 4.20
N ARG B 54 7.62 13.35 3.07
CA ARG B 54 8.56 12.22 3.04
C ARG B 54 9.89 12.64 3.65
N ASN B 55 10.34 13.85 3.35
CA ASN B 55 11.59 14.29 3.95
C ASN B 55 11.40 14.35 5.45
N ALA B 56 10.29 14.91 5.90
CA ALA B 56 10.07 15.02 7.34
C ALA B 56 10.10 13.65 8.00
N GLU B 57 9.54 12.65 7.32
CA GLU B 57 9.48 11.29 7.86
C GLU B 57 10.86 10.69 8.12
N LEU B 58 11.77 10.88 7.17
CA LEU B 58 13.12 10.38 7.29
C LEU B 58 13.83 11.10 8.44
N VAL B 59 13.60 12.40 8.59
CA VAL B 59 14.20 13.13 9.69
C VAL B 59 13.74 12.45 10.99
N HIS B 60 12.48 12.02 11.00
CA HIS B 60 11.91 11.37 12.17
C HIS B 60 12.63 10.06 12.50
N ILE B 61 12.66 9.16 11.50
CA ILE B 61 13.31 7.87 11.62
C ILE B 61 14.79 7.98 12.03
N PHE B 62 15.60 8.69 11.25
CA PHE B 62 17.03 8.83 11.54
C PHE B 62 17.32 9.67 12.78
N THR B 63 16.28 9.90 13.59
CA THR B 63 16.38 10.70 14.80
C THR B 63 15.81 9.96 16.02
N LYS B 64 14.49 9.85 16.05
CA LYS B 64 13.81 9.19 17.15
C LYS B 64 14.02 7.68 17.16
N ASP B 65 14.14 7.09 15.97
CA ASP B 65 14.31 5.65 15.88
C ASP B 65 15.70 5.22 15.45
N ALA B 66 16.63 6.17 15.43
CA ALA B 66 17.99 5.87 15.02
C ALA B 66 18.57 4.73 15.86
N LYS B 67 18.48 4.84 17.17
CA LYS B 67 19.03 3.79 18.03
C LYS B 67 18.31 2.45 17.82
N ALA B 68 16.99 2.50 17.69
CA ALA B 68 16.22 1.26 17.53
C ALA B 68 16.63 0.51 16.28
N PHE B 69 17.20 1.22 15.32
CA PHE B 69 17.63 0.61 14.08
C PHE B 69 19.14 0.41 14.03
N GLY B 70 19.79 0.53 15.18
CA GLY B 70 21.24 0.36 15.25
C GLY B 70 21.99 1.38 14.43
N ILE B 71 21.54 2.63 14.45
CA ILE B 71 22.18 3.69 13.70
C ILE B 71 22.96 4.63 14.60
N SER B 72 24.24 4.83 14.29
CA SER B 72 25.09 5.72 15.08
C SER B 72 25.64 6.83 14.22
N GLY B 73 26.07 7.90 14.87
CA GLY B 73 26.64 9.02 14.15
C GLY B 73 25.81 10.28 14.20
N GLU B 74 26.50 11.42 14.20
CA GLU B 74 25.84 12.73 14.23
C GLU B 74 25.30 13.02 12.85
N VAL B 75 24.01 13.33 12.74
CA VAL B 75 23.41 13.63 11.45
C VAL B 75 22.54 14.90 11.48
N THR B 76 22.49 15.64 10.36
CA THR B 76 21.70 16.86 10.29
C THR B 76 20.89 16.93 9.00
N PHE B 77 19.77 17.65 9.00
CA PHE B 77 18.95 17.75 7.79
C PHE B 77 18.74 19.19 7.34
N ASP B 78 18.97 19.44 6.05
CA ASP B 78 18.81 20.79 5.51
C ASP B 78 17.46 20.91 4.80
N TYR B 79 16.55 21.68 5.41
CA TYR B 79 15.23 21.85 4.84
C TYR B 79 15.37 22.45 3.44
N GLY B 80 16.43 23.23 3.22
CA GLY B 80 16.64 23.82 1.91
C GLY B 80 16.60 22.78 0.81
N ILE B 81 17.30 21.67 1.02
CA ILE B 81 17.34 20.60 0.01
C ILE B 81 15.94 19.97 -0.15
N ALA B 82 15.23 19.84 0.97
CA ALA B 82 13.88 19.29 1.00
C ALA B 82 13.04 20.19 0.10
N TYR B 83 13.14 21.49 0.33
CA TYR B 83 12.41 22.47 -0.44
C TYR B 83 12.77 22.31 -1.91
N ASP B 84 14.07 22.29 -2.21
CA ASP B 84 14.52 22.15 -3.60
C ASP B 84 14.02 20.88 -4.27
N ARG B 85 14.01 19.77 -3.55
CA ARG B 85 13.54 18.53 -4.14
C ARG B 85 12.05 18.63 -4.45
N SER B 86 11.27 19.19 -3.53
CA SER B 86 9.83 19.33 -3.71
C SER B 86 9.53 20.16 -4.95
N ARG B 87 10.33 21.20 -5.18
CA ARG B 87 10.15 22.05 -6.34
C ARG B 87 10.51 21.27 -7.62
N LYS B 88 11.51 20.41 -7.52
CA LYS B 88 11.94 19.64 -8.68
C LYS B 88 10.86 18.66 -9.10
N VAL B 89 10.29 17.96 -8.12
CA VAL B 89 9.22 16.99 -8.37
C VAL B 89 8.03 17.69 -9.04
N ALA B 90 7.64 18.84 -8.48
CA ALA B 90 6.52 19.62 -9.02
C ALA B 90 6.82 20.02 -10.47
N GLU B 91 8.01 20.58 -10.67
CA GLU B 91 8.46 21.03 -11.98
C GLU B 91 8.33 19.92 -13.02
N GLY B 92 8.73 18.71 -12.61
CA GLY B 92 8.65 17.55 -13.47
C GLY B 92 7.21 17.19 -13.79
N ARG B 93 6.35 17.22 -12.78
CA ARG B 93 4.93 16.91 -12.98
C ARG B 93 4.23 17.91 -13.88
N VAL B 94 4.61 19.18 -13.76
CA VAL B 94 4.01 20.21 -14.58
C VAL B 94 4.38 19.99 -16.04
N ALA B 95 5.64 19.66 -16.27
CA ALA B 95 6.11 19.41 -17.62
C ALA B 95 5.24 18.31 -18.22
N GLY B 96 4.85 17.35 -17.39
CA GLY B 96 4.02 16.25 -17.85
C GLY B 96 2.69 16.72 -18.42
N VAL B 97 2.08 17.72 -17.78
CA VAL B 97 0.79 18.22 -18.23
C VAL B 97 0.89 18.72 -19.68
N HIS B 98 1.87 19.60 -19.92
CA HIS B 98 2.08 20.16 -21.25
C HIS B 98 2.31 19.07 -22.30
N PHE B 99 2.95 17.99 -21.88
CA PHE B 99 3.21 16.87 -22.76
C PHE B 99 1.88 16.22 -23.14
N LEU B 100 1.07 15.93 -22.12
CA LEU B 100 -0.23 15.32 -22.32
C LEU B 100 -1.15 16.15 -23.20
N MSE B 101 -1.05 17.47 -23.11
CA MSE B 101 -1.87 18.37 -23.92
C MSE B 101 -1.46 18.22 -25.39
O MSE B 101 -2.29 18.07 -26.28
CB MSE B 101 -1.68 19.83 -23.46
CG MSE B 101 -1.97 20.09 -21.98
SE MSE B 101 -3.83 19.80 -21.48
CE MSE B 101 -3.70 17.95 -20.86
N LYS B 102 -0.14 18.23 -25.63
CA LYS B 102 0.45 18.08 -26.95
C LYS B 102 0.10 16.72 -27.56
N LYS B 103 0.20 15.68 -26.74
CA LYS B 103 -0.08 14.32 -27.17
C LYS B 103 -1.53 14.10 -27.57
N ASN B 104 -2.45 14.82 -26.93
CA ASN B 104 -3.88 14.66 -27.24
C ASN B 104 -4.43 15.75 -28.16
N LYS B 105 -3.53 16.50 -28.79
CA LYS B 105 -3.93 17.58 -29.71
C LYS B 105 -4.88 18.57 -29.06
N ILE B 106 -4.63 18.89 -27.80
CA ILE B 106 -5.46 19.83 -27.07
C ILE B 106 -4.84 21.20 -27.19
N THR B 107 -5.64 22.20 -27.58
CA THR B 107 -5.13 23.56 -27.74
C THR B 107 -4.97 24.30 -26.42
N GLU B 108 -3.77 24.81 -26.18
CA GLU B 108 -3.50 25.56 -24.97
C GLU B 108 -3.66 27.04 -25.23
N ILE B 109 -4.32 27.72 -24.31
CA ILE B 109 -4.52 29.15 -24.39
C ILE B 109 -4.02 29.76 -23.08
N HIS B 110 -2.90 30.46 -23.15
CA HIS B 110 -2.30 31.07 -21.97
C HIS B 110 -2.86 32.46 -21.66
N GLY B 111 -3.83 32.50 -20.75
CA GLY B 111 -4.44 33.76 -20.36
C GLY B 111 -5.57 33.58 -19.37
N TYR B 112 -6.26 34.67 -19.05
CA TYR B 112 -7.38 34.61 -18.12
C TYR B 112 -8.67 34.61 -18.94
N GLY B 113 -9.60 33.74 -18.58
CA GLY B 113 -10.86 33.65 -19.31
C GLY B 113 -12.04 34.25 -18.57
N THR B 114 -12.93 34.88 -19.32
CA THR B 114 -14.12 35.51 -18.75
C THR B 114 -15.32 35.29 -19.66
N PHE B 115 -16.40 34.77 -19.10
CA PHE B 115 -17.60 34.52 -19.89
C PHE B 115 -18.29 35.79 -20.33
N ALA B 116 -18.28 36.06 -21.63
CA ALA B 116 -18.95 37.25 -22.13
C ALA B 116 -20.39 36.89 -22.47
N ASP B 117 -20.53 35.72 -23.09
CA ASP B 117 -21.83 35.21 -23.52
C ASP B 117 -21.99 33.79 -22.99
N ALA B 118 -23.17 33.20 -23.17
CA ALA B 118 -23.39 31.82 -22.69
C ALA B 118 -22.54 30.82 -23.45
N ASN B 119 -22.04 31.21 -24.62
CA ASN B 119 -21.20 30.32 -25.42
C ASN B 119 -19.96 31.03 -25.94
N THR B 120 -19.63 32.17 -25.33
CA THR B 120 -18.46 32.93 -25.73
C THR B 120 -17.57 33.12 -24.52
N LEU B 121 -16.26 33.10 -24.76
CA LEU B 121 -15.29 33.28 -23.69
C LEU B 121 -14.24 34.28 -24.12
N LEU B 122 -14.11 35.37 -23.37
CA LEU B 122 -13.12 36.41 -23.64
C LEU B 122 -11.88 36.06 -22.85
N VAL B 123 -10.76 35.90 -23.54
CA VAL B 123 -9.51 35.55 -22.88
C VAL B 123 -8.47 36.66 -22.92
N ASP B 124 -7.81 36.89 -21.79
CA ASP B 124 -6.76 37.89 -21.70
C ASP B 124 -5.44 37.16 -21.75
N LEU B 125 -4.88 37.07 -22.95
CA LEU B 125 -3.62 36.38 -23.16
C LEU B 125 -2.55 36.92 -22.23
N ASN B 126 -1.61 36.05 -21.82
CA ASN B 126 -0.53 36.49 -20.94
C ASN B 126 0.45 37.39 -21.69
N ASP B 127 0.36 37.40 -23.01
CA ASP B 127 1.24 38.25 -23.82
C ASP B 127 0.65 39.65 -23.97
N GLY B 128 -0.49 39.88 -23.32
CA GLY B 128 -1.13 41.17 -23.39
C GLY B 128 -2.29 41.19 -24.37
N GLY B 129 -2.24 40.32 -25.37
CA GLY B 129 -3.29 40.26 -26.36
C GLY B 129 -4.65 39.95 -25.76
N THR B 130 -5.59 39.59 -26.62
CA THR B 130 -6.94 39.24 -26.19
C THR B 130 -7.71 38.58 -27.32
N GLU B 131 -8.23 37.37 -27.08
CA GLU B 131 -8.95 36.66 -28.11
C GLU B 131 -10.32 36.13 -27.65
N SER B 132 -11.29 36.07 -28.57
CA SER B 132 -12.62 35.56 -28.24
C SER B 132 -12.71 34.08 -28.63
N VAL B 133 -13.37 33.28 -27.79
CA VAL B 133 -13.47 31.86 -28.07
C VAL B 133 -14.88 31.31 -27.92
N THR B 134 -15.46 30.82 -29.01
CA THR B 134 -16.80 30.26 -28.96
C THR B 134 -16.71 28.78 -28.65
N PHE B 135 -17.78 28.23 -28.07
CA PHE B 135 -17.79 26.82 -27.69
C PHE B 135 -19.20 26.29 -27.57
N ASP B 136 -19.39 25.03 -27.91
CA ASP B 136 -20.70 24.40 -27.80
C ASP B 136 -20.90 23.90 -26.37
N ASN B 137 -19.78 23.67 -25.68
CA ASN B 137 -19.78 23.19 -24.31
C ASN B 137 -18.60 23.76 -23.55
N ALA B 138 -18.77 23.99 -22.26
CA ALA B 138 -17.68 24.53 -21.45
C ALA B 138 -17.61 23.80 -20.12
N ILE B 139 -16.38 23.61 -19.65
CA ILE B 139 -16.13 22.94 -18.39
C ILE B 139 -15.37 23.88 -17.45
N ILE B 140 -16.04 24.34 -16.40
CA ILE B 140 -15.44 25.25 -15.44
C ILE B 140 -14.71 24.46 -14.35
N ALA B 141 -13.40 24.63 -14.31
CA ALA B 141 -12.55 23.97 -13.33
C ALA B 141 -11.62 25.04 -12.79
N THR B 142 -12.22 26.09 -12.25
CA THR B 142 -11.45 27.21 -11.74
C THR B 142 -10.90 27.00 -10.33
N GLY B 143 -11.18 25.84 -9.75
CA GLY B 143 -10.66 25.53 -8.43
C GLY B 143 -11.20 26.42 -7.31
N SER B 144 -10.40 26.59 -6.27
CA SER B 144 -10.82 27.40 -5.13
C SER B 144 -9.65 28.19 -4.51
N SER B 145 -9.95 29.01 -3.51
CA SER B 145 -8.93 29.81 -2.84
C SER B 145 -9.09 29.72 -1.33
N THR B 146 -7.98 29.77 -0.61
CA THR B 146 -8.00 29.69 0.83
C THR B 146 -8.90 30.78 1.44
N ARG B 147 -9.61 30.41 2.50
CA ARG B 147 -10.51 31.32 3.20
C ARG B 147 -9.83 31.79 4.48
N LEU B 148 -9.61 33.08 4.60
CA LEU B 148 -8.95 33.63 5.78
C LEU B 148 -9.92 33.77 6.95
N VAL B 149 -9.36 33.90 8.15
CA VAL B 149 -10.15 34.08 9.35
C VAL B 149 -10.75 35.47 9.25
N PRO B 150 -12.08 35.57 9.33
CA PRO B 150 -12.79 36.85 9.24
C PRO B 150 -12.11 38.01 9.96
N GLY B 151 -11.93 39.13 9.26
CA GLY B 151 -11.31 40.30 9.86
C GLY B 151 -9.80 40.36 9.75
N THR B 152 -9.18 39.23 9.42
CA THR B 152 -7.72 39.18 9.29
C THR B 152 -7.33 39.37 7.83
N SER B 153 -6.03 39.51 7.57
CA SER B 153 -5.55 39.69 6.22
C SER B 153 -4.17 39.05 6.05
N LEU B 154 -3.75 38.84 4.81
CA LEU B 154 -2.45 38.24 4.57
C LEU B 154 -1.33 39.27 4.63
N SER B 155 -0.22 38.89 5.26
CA SER B 155 0.94 39.75 5.39
C SER B 155 2.21 38.92 5.36
N ALA B 156 3.36 39.58 5.47
CA ALA B 156 4.66 38.93 5.47
C ALA B 156 4.76 37.76 6.44
N ASN B 157 4.03 37.85 7.55
CA ASN B 157 4.06 36.79 8.55
C ASN B 157 2.76 36.00 8.61
N VAL B 158 1.71 36.47 7.96
CA VAL B 158 0.47 35.71 7.99
C VAL B 158 0.29 35.23 6.54
N VAL B 159 0.58 33.95 6.32
CA VAL B 159 0.51 33.40 4.98
C VAL B 159 -0.48 32.26 4.77
N THR B 160 -0.56 31.82 3.51
CA THR B 160 -1.40 30.72 3.11
C THR B 160 -0.45 29.58 2.75
N TYR B 161 -1.01 28.41 2.48
CA TYR B 161 -0.21 27.26 2.10
C TYR B 161 0.76 27.66 1.01
N GLU B 162 0.28 28.48 0.08
CA GLU B 162 1.09 28.89 -1.05
C GLU B 162 2.43 29.57 -0.72
N GLU B 163 2.40 30.62 0.09
CA GLU B 163 3.63 31.31 0.44
C GLU B 163 4.52 30.46 1.34
N GLN B 164 3.90 29.57 2.13
CA GLN B 164 4.65 28.73 3.03
C GLN B 164 5.34 27.59 2.30
N ILE B 165 4.63 26.96 1.37
CA ILE B 165 5.22 25.85 0.66
C ILE B 165 6.34 26.29 -0.27
N LEU B 166 6.43 27.60 -0.53
CA LEU B 166 7.46 28.13 -1.41
C LEU B 166 8.60 28.80 -0.62
N SER B 167 8.57 28.66 0.71
CA SER B 167 9.62 29.23 1.55
C SER B 167 10.76 28.23 1.67
N ARG B 168 11.96 28.67 1.34
CA ARG B 168 13.12 27.80 1.45
C ARG B 168 13.69 27.84 2.87
N GLU B 169 13.27 28.81 3.66
CA GLU B 169 13.72 28.94 5.05
C GLU B 169 12.52 28.77 5.98
N LEU B 170 12.77 28.27 7.18
CA LEU B 170 11.71 28.04 8.14
C LEU B 170 11.78 28.99 9.33
N PRO B 171 10.62 29.30 9.94
CA PRO B 171 10.60 30.20 11.10
C PRO B 171 10.89 29.43 12.38
N LYS B 172 11.28 30.13 13.44
CA LYS B 172 11.58 29.50 14.72
C LYS B 172 10.33 28.86 15.33
N SER B 173 9.16 29.43 15.01
CA SER B 173 7.88 28.94 15.53
C SER B 173 6.75 29.34 14.59
N ILE B 174 5.58 28.75 14.76
CA ILE B 174 4.46 29.06 13.90
C ILE B 174 3.13 28.62 14.51
N ILE B 175 2.07 29.32 14.13
CA ILE B 175 0.72 29.01 14.61
C ILE B 175 -0.15 28.71 13.39
N ILE B 176 -0.74 27.52 13.37
CA ILE B 176 -1.58 27.15 12.25
C ILE B 176 -3.06 27.13 12.63
N ALA B 177 -3.85 27.84 11.83
CA ALA B 177 -5.29 27.95 12.02
C ALA B 177 -5.99 26.89 11.17
N GLY B 178 -6.47 25.84 11.81
CA GLY B 178 -7.16 24.78 11.10
C GLY B 178 -6.48 23.44 11.30
N ALA B 179 -7.23 22.46 11.79
CA ALA B 179 -6.68 21.14 12.02
C ALA B 179 -7.15 20.20 10.92
N GLY B 180 -7.13 20.69 9.69
CA GLY B 180 -7.56 19.85 8.58
C GLY B 180 -6.34 19.17 8.01
N ALA B 181 -6.55 18.33 7.00
CA ALA B 181 -5.43 17.64 6.40
C ALA B 181 -4.25 18.59 6.17
N ILE B 182 -4.47 19.66 5.42
CA ILE B 182 -3.42 20.64 5.11
C ILE B 182 -2.74 21.22 6.33
N GLY B 183 -3.52 21.48 7.37
CA GLY B 183 -2.97 22.02 8.59
C GLY B 183 -2.13 20.99 9.32
N MSE B 184 -2.64 19.77 9.41
CA MSE B 184 -1.90 18.70 10.10
C MSE B 184 -0.62 18.37 9.36
O MSE B 184 0.43 18.17 9.97
CB MSE B 184 -2.77 17.44 10.20
CG MSE B 184 -4.00 17.61 11.09
SE MSE B 184 -3.54 17.86 12.96
CE MSE B 184 -3.83 19.75 13.07
N GLU B 185 -0.70 18.33 8.04
CA GLU B 185 0.46 18.02 7.21
C GLU B 185 1.60 19.02 7.40
N PHE B 186 1.31 20.32 7.34
CA PHE B 186 2.36 21.30 7.54
C PHE B 186 2.93 21.19 8.94
N GLY B 187 2.06 20.87 9.91
CA GLY B 187 2.49 20.74 11.28
C GLY B 187 3.51 19.64 11.41
N TYR B 188 3.24 18.53 10.74
CA TYR B 188 4.13 17.38 10.75
C TYR B 188 5.49 17.76 10.18
N VAL B 189 5.49 18.36 8.99
CA VAL B 189 6.73 18.74 8.34
C VAL B 189 7.54 19.72 9.17
N LEU B 190 6.92 20.86 9.46
CA LEU B 190 7.58 21.90 10.22
C LEU B 190 8.13 21.41 11.57
N LYS B 191 7.32 20.70 12.33
CA LYS B 191 7.79 20.22 13.61
C LYS B 191 9.03 19.34 13.47
N ASN B 192 8.98 18.40 12.53
CA ASN B 192 10.11 17.52 12.32
C ASN B 192 11.37 18.29 11.99
N TYR B 193 11.22 19.52 11.49
CA TYR B 193 12.40 20.29 11.17
C TYR B 193 12.80 21.31 12.25
N GLY B 194 12.31 21.09 13.47
CA GLY B 194 12.67 21.97 14.58
C GLY B 194 11.87 23.23 14.77
N VAL B 195 10.75 23.36 14.08
CA VAL B 195 9.93 24.55 14.23
C VAL B 195 8.88 24.31 15.29
N ASP B 196 8.75 25.26 16.23
CA ASP B 196 7.73 25.15 17.26
C ASP B 196 6.38 25.29 16.60
N VAL B 197 5.58 24.25 16.65
CA VAL B 197 4.27 24.30 16.00
C VAL B 197 3.07 24.20 16.93
N THR B 198 2.15 25.14 16.76
CA THR B 198 0.90 25.17 17.52
C THR B 198 -0.24 25.19 16.50
N ILE B 199 -1.17 24.25 16.61
CA ILE B 199 -2.31 24.19 15.69
C ILE B 199 -3.61 24.46 16.43
N VAL B 200 -4.37 25.42 15.94
CA VAL B 200 -5.64 25.80 16.56
C VAL B 200 -6.85 25.36 15.72
N GLU B 201 -7.80 24.67 16.35
CA GLU B 201 -8.99 24.20 15.65
C GLU B 201 -10.28 24.64 16.36
N PHE B 202 -11.19 25.23 15.59
CA PHE B 202 -12.46 25.71 16.16
C PHE B 202 -13.31 24.56 16.68
N LEU B 203 -13.41 23.48 15.91
CA LEU B 203 -14.19 22.32 16.35
C LEU B 203 -13.44 21.62 17.47
N PRO B 204 -14.12 20.72 18.17
CA PRO B 204 -13.53 19.96 19.30
C PRO B 204 -12.52 18.86 19.03
N ARG B 205 -12.17 18.65 17.76
CA ARG B 205 -11.24 17.59 17.42
C ARG B 205 -10.42 17.90 16.18
N ALA B 206 -9.23 17.34 16.12
CA ALA B 206 -8.35 17.50 14.97
C ALA B 206 -8.94 16.62 13.86
N LEU B 207 -8.73 17.00 12.61
CA LEU B 207 -9.29 16.22 11.51
C LEU B 207 -10.72 15.88 11.89
N PRO B 208 -11.55 16.91 12.11
CA PRO B 208 -12.96 16.74 12.49
C PRO B 208 -13.79 15.94 11.50
N ASN B 209 -13.49 16.06 10.22
CA ASN B 209 -14.26 15.31 9.22
C ASN B 209 -14.08 13.81 9.40
N GLU B 210 -12.98 13.40 10.02
CA GLU B 210 -12.71 11.99 10.24
C GLU B 210 -13.55 11.39 11.36
N ASP B 211 -13.40 10.07 11.53
CA ASP B 211 -14.12 9.38 12.58
C ASP B 211 -13.47 9.75 13.91
N ALA B 212 -14.29 9.93 14.95
CA ALA B 212 -13.82 10.29 16.27
C ALA B 212 -12.63 9.47 16.75
N ASP B 213 -12.61 8.17 16.49
CA ASP B 213 -11.49 7.35 16.92
C ASP B 213 -10.20 7.78 16.20
N VAL B 214 -10.31 8.08 14.91
CA VAL B 214 -9.16 8.51 14.11
C VAL B 214 -8.60 9.83 14.65
N SER B 215 -9.50 10.76 14.94
CA SER B 215 -9.11 12.07 15.46
C SER B 215 -8.38 11.91 16.79
N LYS B 216 -8.90 11.04 17.64
CA LYS B 216 -8.30 10.81 18.94
C LYS B 216 -6.90 10.24 18.81
N GLU B 217 -6.73 9.30 17.90
CA GLU B 217 -5.45 8.67 17.69
C GLU B 217 -4.44 9.63 17.10
N ILE B 218 -4.82 10.30 16.02
CA ILE B 218 -3.89 11.21 15.39
C ILE B 218 -3.46 12.34 16.32
N GLU B 219 -4.31 12.66 17.30
CA GLU B 219 -4.00 13.69 18.27
C GLU B 219 -2.96 13.15 19.25
N LYS B 220 -2.99 11.85 19.49
CA LYS B 220 -2.05 11.23 20.40
C LYS B 220 -0.66 11.27 19.76
N GLN B 221 -0.61 10.97 18.48
CA GLN B 221 0.64 10.97 17.73
C GLN B 221 1.27 12.35 17.68
N PHE B 222 0.45 13.36 17.39
CA PHE B 222 0.97 14.73 17.29
C PHE B 222 1.47 15.27 18.61
N LYS B 223 0.78 14.96 19.70
CA LYS B 223 1.22 15.41 21.00
C LYS B 223 2.55 14.72 21.29
N LYS B 224 2.66 13.47 20.85
CA LYS B 224 3.88 12.68 21.04
C LYS B 224 5.01 13.22 20.19
N LEU B 225 4.66 13.88 19.09
CA LEU B 225 5.62 14.45 18.17
C LEU B 225 6.14 15.77 18.74
N GLY B 226 5.33 16.40 19.59
CA GLY B 226 5.70 17.66 20.18
C GLY B 226 4.88 18.83 19.69
N VAL B 227 3.88 18.55 18.85
CA VAL B 227 3.01 19.58 18.29
C VAL B 227 1.91 19.92 19.27
N THR B 228 1.66 21.20 19.48
CA THR B 228 0.59 21.60 20.39
C THR B 228 -0.67 21.92 19.64
N ILE B 229 -1.70 21.11 19.86
CA ILE B 229 -2.99 21.32 19.21
C ILE B 229 -4.05 21.76 20.23
N LEU B 230 -4.71 22.88 19.92
CA LEU B 230 -5.76 23.43 20.79
C LEU B 230 -7.12 23.29 20.12
N THR B 231 -7.98 22.46 20.69
CA THR B 231 -9.32 22.27 20.12
C THR B 231 -10.35 23.13 20.85
N ALA B 232 -11.56 23.22 20.29
CA ALA B 232 -12.61 24.02 20.87
C ALA B 232 -12.10 25.43 21.15
N THR B 233 -11.13 25.86 20.35
CA THR B 233 -10.54 27.17 20.49
C THR B 233 -10.86 28.00 19.26
N LYS B 234 -11.33 29.22 19.49
CA LYS B 234 -11.71 30.11 18.40
C LYS B 234 -10.67 31.21 18.21
N VAL B 235 -10.24 31.42 16.97
CA VAL B 235 -9.26 32.47 16.65
C VAL B 235 -10.02 33.77 16.47
N GLU B 236 -9.68 34.78 17.29
CA GLU B 236 -10.35 36.08 17.25
C GLU B 236 -9.69 37.05 16.27
N SER B 237 -8.39 37.27 16.41
CA SER B 237 -7.68 38.17 15.53
C SER B 237 -6.21 37.76 15.33
N ILE B 238 -5.62 38.28 14.26
CA ILE B 238 -4.22 37.97 13.96
C ILE B 238 -3.53 39.30 13.71
N ALA B 239 -2.68 39.71 14.64
CA ALA B 239 -1.95 40.97 14.51
C ALA B 239 -0.48 40.73 14.23
N ASP B 240 -0.05 41.10 13.02
CA ASP B 240 1.34 40.94 12.62
C ASP B 240 2.15 42.16 13.05
N GLY B 241 2.97 41.99 14.07
CA GLY B 241 3.78 43.09 14.57
C GLY B 241 5.14 43.25 13.92
N GLY B 242 5.47 42.42 12.94
CA GLY B 242 6.75 42.53 12.29
C GLY B 242 7.80 41.58 12.85
N SER B 243 8.06 41.70 14.16
CA SER B 243 9.04 40.85 14.82
C SER B 243 8.36 39.55 15.28
N GLN B 244 7.04 39.54 15.25
CA GLN B 244 6.26 38.37 15.63
C GLN B 244 4.77 38.61 15.37
N VAL B 245 3.96 37.58 15.57
CA VAL B 245 2.54 37.70 15.31
C VAL B 245 1.75 37.34 16.55
N THR B 246 0.73 38.12 16.86
CA THR B 246 -0.09 37.85 18.02
C THR B 246 -1.47 37.41 17.56
N VAL B 247 -1.82 36.17 17.86
CA VAL B 247 -3.12 35.65 17.49
C VAL B 247 -3.95 35.49 18.75
N THR B 248 -5.02 36.26 18.85
CA THR B 248 -5.89 36.20 20.01
C THR B 248 -6.89 35.07 19.81
N VAL B 249 -7.00 34.20 20.80
CA VAL B 249 -7.91 33.06 20.74
C VAL B 249 -8.77 32.99 21.99
N THR B 250 -9.89 32.28 21.91
CA THR B 250 -10.78 32.14 23.05
C THR B 250 -11.27 30.72 23.22
N LYS B 251 -11.35 30.29 24.48
CA LYS B 251 -11.81 28.95 24.80
C LYS B 251 -12.61 28.98 26.10
N ASP B 252 -13.89 28.67 26.01
CA ASP B 252 -14.75 28.64 27.18
C ASP B 252 -14.69 29.91 28.00
N GLY B 253 -14.78 31.05 27.33
CA GLY B 253 -14.77 32.32 28.01
C GLY B 253 -13.42 32.95 28.24
N VAL B 254 -12.40 32.13 28.52
CA VAL B 254 -11.07 32.67 28.74
C VAL B 254 -10.37 32.94 27.43
N ALA B 255 -9.73 34.10 27.32
CA ALA B 255 -9.03 34.46 26.10
C ALA B 255 -7.55 34.72 26.42
N GLN B 256 -6.67 34.17 25.59
CA GLN B 256 -5.23 34.34 25.77
C GLN B 256 -4.61 34.78 24.44
N GLU B 257 -3.40 35.33 24.53
CA GLU B 257 -2.67 35.79 23.34
C GLU B 257 -1.51 34.87 22.97
N LEU B 258 -1.62 34.23 21.81
CA LEU B 258 -0.57 33.35 21.34
C LEU B 258 0.35 34.14 20.44
N LYS B 259 1.65 33.98 20.58
CA LYS B 259 2.58 34.71 19.74
C LYS B 259 3.57 33.80 19.03
N ALA B 260 3.83 34.07 17.75
CA ALA B 260 4.77 33.27 16.97
C ALA B 260 5.35 34.12 15.86
N GLU B 261 6.47 33.68 15.31
CA GLU B 261 7.12 34.41 14.24
C GLU B 261 6.31 34.33 12.93
N LYS B 262 5.37 33.40 12.87
CA LYS B 262 4.59 33.25 11.66
C LYS B 262 3.30 32.51 11.95
N VAL B 263 2.30 32.73 11.10
CA VAL B 263 1.01 32.09 11.24
C VAL B 263 0.47 31.69 9.85
N LEU B 264 0.14 30.42 9.70
CA LEU B 264 -0.38 29.88 8.44
C LEU B 264 -1.90 29.80 8.50
N GLN B 265 -2.56 30.41 7.52
CA GLN B 265 -4.01 30.38 7.50
C GLN B 265 -4.51 29.18 6.72
N ALA B 266 -5.18 28.25 7.40
CA ALA B 266 -5.69 27.07 6.69
C ALA B 266 -7.00 26.54 7.27
N ILE B 267 -7.93 27.43 7.60
CA ILE B 267 -9.21 26.99 8.15
C ILE B 267 -10.12 26.33 7.10
N GLY B 268 -9.98 26.74 5.84
CA GLY B 268 -10.79 26.17 4.78
C GLY B 268 -10.51 26.80 3.42
N PHE B 269 -11.25 26.36 2.40
CA PHE B 269 -11.10 26.88 1.04
C PHE B 269 -12.46 27.21 0.42
N ALA B 270 -12.55 28.39 -0.18
CA ALA B 270 -13.80 28.81 -0.80
C ALA B 270 -13.61 28.87 -2.29
N PRO B 271 -14.50 28.22 -3.06
CA PRO B 271 -14.42 28.19 -4.52
C PRO B 271 -14.24 29.55 -5.20
N ASN B 272 -13.48 29.57 -6.28
CA ASN B 272 -13.26 30.80 -7.03
C ASN B 272 -14.50 31.01 -7.92
N VAL B 273 -15.40 31.90 -7.52
CA VAL B 273 -16.60 32.12 -8.31
C VAL B 273 -16.83 33.54 -8.81
N GLU B 274 -15.93 34.45 -8.49
CA GLU B 274 -16.14 35.82 -8.93
C GLU B 274 -15.00 36.46 -9.68
N GLY B 275 -15.32 37.19 -10.73
CA GLY B 275 -14.31 37.86 -11.51
C GLY B 275 -14.14 37.40 -12.94
N TYR B 276 -14.93 36.43 -13.37
CA TYR B 276 -14.85 35.94 -14.75
C TYR B 276 -16.21 35.71 -15.41
N GLY B 277 -17.12 36.67 -15.18
CA GLY B 277 -18.45 36.63 -15.77
C GLY B 277 -19.33 35.40 -15.64
N LEU B 278 -19.32 34.75 -14.48
CA LEU B 278 -20.18 33.60 -14.30
C LEU B 278 -21.63 34.02 -14.48
N ASP B 279 -21.92 35.28 -14.12
CA ASP B 279 -23.27 35.84 -14.21
C ASP B 279 -23.72 36.10 -15.65
N LYS B 280 -22.78 36.46 -16.50
CA LYS B 280 -23.08 36.73 -17.90
C LYS B 280 -23.31 35.44 -18.68
N ALA B 281 -22.81 34.33 -18.15
CA ALA B 281 -22.99 33.03 -18.79
C ALA B 281 -24.28 32.41 -18.29
N GLY B 282 -24.77 32.90 -17.16
CA GLY B 282 -26.02 32.39 -16.60
C GLY B 282 -25.83 31.38 -15.49
N VAL B 283 -24.60 30.89 -15.32
CA VAL B 283 -24.32 29.90 -14.28
C VAL B 283 -24.66 30.41 -12.89
N ALA B 284 -25.53 29.69 -12.19
CA ALA B 284 -25.96 30.05 -10.84
C ALA B 284 -25.10 29.41 -9.75
N LEU B 285 -25.12 30.02 -8.56
CA LEU B 285 -24.34 29.53 -7.42
C LEU B 285 -25.23 28.93 -6.35
N THR B 286 -24.62 28.44 -5.28
CA THR B 286 -25.40 27.87 -4.18
C THR B 286 -25.37 28.80 -2.98
N ASP B 287 -26.15 28.49 -1.96
CA ASP B 287 -26.18 29.35 -0.79
C ASP B 287 -24.79 29.47 -0.15
N ARG B 288 -23.90 28.55 -0.52
CA ARG B 288 -22.52 28.53 0.00
C ARG B 288 -21.50 29.09 -0.99
N LYS B 289 -21.98 29.84 -1.97
CA LYS B 289 -21.12 30.46 -2.98
C LYS B 289 -20.35 29.43 -3.83
N ALA B 290 -20.93 28.26 -4.02
CA ALA B 290 -20.30 27.24 -4.84
C ALA B 290 -21.17 27.05 -6.07
N ILE B 291 -20.55 26.62 -7.17
CA ILE B 291 -21.33 26.44 -8.38
C ILE B 291 -22.25 25.22 -8.28
N GLY B 292 -23.56 25.46 -8.32
CA GLY B 292 -24.50 24.37 -8.26
C GLY B 292 -24.23 23.39 -9.37
N VAL B 293 -24.48 22.11 -9.12
CA VAL B 293 -24.20 21.07 -10.12
C VAL B 293 -25.05 19.82 -9.86
N ASP B 294 -25.33 19.06 -10.92
CA ASP B 294 -26.12 17.82 -10.79
C ASP B 294 -25.15 16.62 -10.77
N ASP B 295 -25.69 15.41 -10.78
CA ASP B 295 -24.86 14.21 -10.76
C ASP B 295 -23.94 14.05 -11.97
N TYR B 296 -24.15 14.88 -12.99
CA TYR B 296 -23.34 14.83 -14.20
C TYR B 296 -22.44 16.05 -14.33
N MSE B 297 -22.26 16.76 -13.22
CA MSE B 297 -21.43 17.98 -13.15
C MSE B 297 -22.00 19.13 -13.97
O MSE B 297 -21.34 20.15 -14.18
CB MSE B 297 -20.00 17.67 -13.62
CG MSE B 297 -19.29 16.65 -12.77
SE MSE B 297 -19.41 17.13 -10.88
CE MSE B 297 -20.56 15.67 -10.29
N ARG B 298 -23.23 18.94 -14.42
CA ARG B 298 -23.92 19.94 -15.23
C ARG B 298 -24.46 21.05 -14.31
N THR B 299 -24.40 22.30 -14.78
CA THR B 299 -24.89 23.44 -14.01
C THR B 299 -26.28 23.79 -14.53
N ASN B 300 -26.93 24.78 -13.91
CA ASN B 300 -28.26 25.21 -14.33
C ASN B 300 -28.31 25.40 -15.84
N VAL B 301 -27.18 25.82 -16.42
CA VAL B 301 -27.06 26.01 -17.85
C VAL B 301 -26.63 24.68 -18.46
N GLY B 302 -27.39 24.19 -19.43
CA GLY B 302 -27.10 22.90 -20.05
C GLY B 302 -25.69 22.54 -20.50
N HIS B 303 -25.14 23.33 -21.41
CA HIS B 303 -23.81 23.06 -21.94
C HIS B 303 -22.66 23.54 -21.07
N ILE B 304 -22.94 23.91 -19.83
CA ILE B 304 -21.86 24.36 -18.95
C ILE B 304 -21.75 23.47 -17.72
N TYR B 305 -20.56 22.91 -17.52
CA TYR B 305 -20.30 22.03 -16.38
C TYR B 305 -19.29 22.65 -15.43
N ALA B 306 -19.35 22.20 -14.17
CA ALA B 306 -18.43 22.67 -13.14
C ALA B 306 -17.83 21.47 -12.40
N ILE B 307 -16.52 21.35 -12.45
CA ILE B 307 -15.84 20.21 -11.81
C ILE B 307 -14.75 20.74 -10.87
N GLY B 308 -14.20 19.84 -10.06
CA GLY B 308 -13.16 20.25 -9.15
C GLY B 308 -13.70 21.00 -7.94
N ASP B 309 -12.81 21.67 -7.22
CA ASP B 309 -13.17 22.40 -6.02
C ASP B 309 -14.22 23.48 -6.21
N VAL B 310 -14.27 24.03 -7.42
CA VAL B 310 -15.22 25.08 -7.71
C VAL B 310 -16.65 24.70 -7.36
N ASN B 311 -16.95 23.41 -7.29
CA ASN B 311 -18.31 23.00 -6.95
C ASN B 311 -18.44 22.60 -5.49
N GLY B 312 -17.32 22.71 -4.77
CA GLY B 312 -17.27 22.41 -3.35
C GLY B 312 -17.78 21.08 -2.83
N LEU B 313 -17.97 20.10 -3.70
CA LEU B 313 -18.48 18.80 -3.26
C LEU B 313 -17.51 18.02 -2.38
N LEU B 314 -16.26 17.93 -2.82
CA LEU B 314 -15.22 17.21 -2.09
C LEU B 314 -13.90 17.72 -2.66
N GLN B 315 -13.47 18.87 -2.18
CA GLN B 315 -12.26 19.51 -2.64
C GLN B 315 -10.98 18.68 -2.54
N LEU B 316 -10.87 17.71 -3.45
CA LEU B 316 -9.73 16.80 -3.52
C LEU B 316 -9.38 16.51 -4.97
N ALA B 317 -8.07 16.44 -5.25
CA ALA B 317 -7.56 16.17 -6.59
C ALA B 317 -8.25 15.01 -7.32
N HIS B 318 -8.21 13.80 -6.75
CA HIS B 318 -8.82 12.66 -7.44
C HIS B 318 -10.30 12.87 -7.77
N VAL B 319 -10.99 13.62 -6.91
CA VAL B 319 -12.40 13.92 -7.15
C VAL B 319 -12.50 14.81 -8.37
N ALA B 320 -11.64 15.82 -8.45
CA ALA B 320 -11.65 16.73 -9.58
C ALA B 320 -11.44 15.97 -10.89
N GLU B 321 -10.51 15.02 -10.91
CA GLU B 321 -10.29 14.26 -12.13
C GLU B 321 -11.52 13.41 -12.43
N ALA B 322 -12.01 12.71 -11.42
CA ALA B 322 -13.19 11.88 -11.55
C ALA B 322 -14.36 12.67 -12.14
N GLN B 323 -14.61 13.87 -11.63
CA GLN B 323 -15.71 14.67 -12.15
C GLN B 323 -15.39 15.14 -13.58
N GLY B 324 -14.12 15.40 -13.84
CA GLY B 324 -13.70 15.82 -15.16
C GLY B 324 -14.07 14.76 -16.18
N VAL B 325 -13.78 13.51 -15.86
CA VAL B 325 -14.10 12.41 -16.75
C VAL B 325 -15.61 12.32 -16.95
N VAL B 326 -16.36 12.41 -15.85
CA VAL B 326 -17.80 12.37 -15.92
C VAL B 326 -18.31 13.54 -16.77
N ALA B 327 -17.65 14.68 -16.68
CA ALA B 327 -18.07 15.84 -17.46
C ALA B 327 -17.88 15.61 -18.95
N ALA B 328 -16.64 15.30 -19.33
CA ALA B 328 -16.30 15.06 -20.72
C ALA B 328 -17.18 13.98 -21.35
N GLU B 329 -17.25 12.82 -20.71
CA GLU B 329 -18.04 11.71 -21.23
C GLU B 329 -19.49 12.09 -21.49
N THR B 330 -20.15 12.66 -20.49
CA THR B 330 -21.53 13.07 -20.65
C THR B 330 -21.70 14.07 -21.80
N ILE B 331 -20.69 14.92 -22.01
CA ILE B 331 -20.77 15.88 -23.10
C ILE B 331 -20.75 15.14 -24.43
N ALA B 332 -19.86 14.16 -24.55
CA ALA B 332 -19.74 13.39 -25.77
C ALA B 332 -20.83 12.33 -25.89
N GLY B 333 -21.68 12.22 -24.88
CA GLY B 333 -22.75 11.24 -24.92
C GLY B 333 -22.26 9.81 -24.80
N ALA B 334 -20.97 9.63 -24.53
CA ALA B 334 -20.37 8.31 -24.39
C ALA B 334 -20.75 7.67 -23.05
N GLU B 335 -20.41 6.40 -22.86
CA GLU B 335 -20.71 5.70 -21.61
C GLU B 335 -20.04 6.38 -20.42
N THR B 336 -20.83 6.63 -19.38
CA THR B 336 -20.33 7.27 -18.17
C THR B 336 -21.01 6.62 -16.98
N LEU B 337 -20.59 7.00 -15.79
CA LEU B 337 -21.18 6.45 -14.60
C LEU B 337 -20.96 7.46 -13.51
N THR B 338 -22.04 8.10 -13.06
CA THR B 338 -21.99 9.09 -12.00
C THR B 338 -21.23 8.58 -10.78
N LEU B 339 -20.55 9.48 -10.08
CA LEU B 339 -19.80 9.07 -8.89
C LEU B 339 -20.75 8.66 -7.77
N GLY B 340 -21.93 9.28 -7.74
CA GLY B 340 -22.90 8.96 -6.71
C GLY B 340 -22.68 9.79 -5.46
N ASP B 341 -22.96 9.17 -4.32
CA ASP B 341 -22.80 9.81 -3.02
C ASP B 341 -21.32 10.14 -2.86
N HIS B 342 -20.98 11.41 -2.93
CA HIS B 342 -19.58 11.81 -2.82
C HIS B 342 -18.94 11.47 -1.47
N ARG B 343 -19.74 11.07 -0.50
CA ARG B 343 -19.20 10.74 0.81
C ARG B 343 -18.49 9.39 0.77
N MSE B 344 -18.82 8.58 -0.24
CA MSE B 344 -18.22 7.26 -0.40
C MSE B 344 -16.83 7.34 -1.00
O MSE B 344 -16.12 6.33 -1.06
CB MSE B 344 -19.10 6.39 -1.29
CG MSE B 344 -20.46 6.08 -0.71
SE MSE B 344 -20.39 5.30 1.07
CE MSE B 344 -21.19 6.78 2.03
N LEU B 345 -16.45 8.52 -1.47
CA LEU B 345 -15.14 8.71 -2.08
C LEU B 345 -14.04 8.70 -1.02
N PRO B 346 -12.88 8.12 -1.34
CA PRO B 346 -11.73 8.02 -0.44
C PRO B 346 -10.99 9.35 -0.24
N ARG B 347 -10.30 9.45 0.89
CA ARG B 347 -9.51 10.64 1.24
C ARG B 347 -8.40 10.22 2.18
N ALA B 348 -7.34 11.03 2.26
CA ALA B 348 -6.23 10.72 3.14
C ALA B 348 -5.30 11.88 3.46
N THR B 349 -4.82 11.89 4.70
CA THR B 349 -3.90 12.89 5.17
C THR B 349 -2.56 12.20 5.12
N PHE B 350 -1.54 12.83 4.55
CA PHE B 350 -0.28 12.11 4.42
C PHE B 350 0.85 12.32 5.43
N CYS B 351 0.49 12.56 6.68
CA CYS B 351 1.48 12.68 7.74
C CYS B 351 1.78 11.23 8.12
N GLN B 352 2.70 11.01 9.04
CA GLN B 352 3.02 9.65 9.45
C GLN B 352 2.70 9.53 10.94
N PRO B 353 1.81 8.57 11.30
CA PRO B 353 1.11 7.63 10.42
C PRO B 353 0.00 8.27 9.57
N ASN B 354 -0.25 7.67 8.41
CA ASN B 354 -1.29 8.16 7.49
C ASN B 354 -2.67 8.06 8.09
N VAL B 355 -3.59 8.81 7.50
CA VAL B 355 -4.97 8.76 7.89
C VAL B 355 -5.74 8.60 6.58
N ALA B 356 -6.40 7.47 6.42
CA ALA B 356 -7.17 7.21 5.20
C ALA B 356 -8.59 6.85 5.61
N SER B 357 -9.55 7.16 4.75
CA SER B 357 -10.94 6.86 5.07
C SER B 357 -11.86 7.02 3.87
N PHE B 358 -13.10 6.59 4.04
CA PHE B 358 -14.08 6.71 2.99
C PHE B 358 -15.42 6.44 3.63
N GLY B 359 -16.48 6.84 2.93
CA GLY B 359 -17.83 6.62 3.42
C GLY B 359 -18.20 7.31 4.71
N LEU B 360 -19.13 6.68 5.44
CA LEU B 360 -19.62 7.22 6.70
C LEU B 360 -18.81 6.78 7.91
N THR B 361 -18.84 7.60 8.96
CA THR B 361 -18.15 7.28 10.19
C THR B 361 -19.12 6.44 11.02
N GLU B 362 -18.62 5.76 12.05
CA GLU B 362 -19.47 4.93 12.90
C GLU B 362 -20.71 5.72 13.33
N GLN B 363 -20.47 6.84 14.02
CA GLN B 363 -21.56 7.69 14.49
C GLN B 363 -22.50 8.07 13.35
N GLN B 364 -21.91 8.52 12.25
CA GLN B 364 -22.68 8.90 11.09
C GLN B 364 -23.61 7.76 10.66
N ALA B 365 -23.07 6.57 10.48
CA ALA B 365 -23.90 5.45 10.07
C ALA B 365 -25.07 5.27 11.03
N ARG B 366 -24.80 5.40 12.32
CA ARG B 366 -25.83 5.27 13.33
C ARG B 366 -26.94 6.30 13.13
N ASN B 367 -26.58 7.59 13.14
CA ASN B 367 -27.57 8.65 12.97
C ASN B 367 -28.35 8.43 11.69
N GLU B 368 -27.69 7.91 10.66
CA GLU B 368 -28.32 7.63 9.37
C GLU B 368 -29.39 6.57 9.53
N GLY B 369 -29.35 5.80 10.60
CA GLY B 369 -30.35 4.78 10.81
C GLY B 369 -30.00 3.37 10.38
N TYR B 370 -28.80 3.18 9.85
CA TYR B 370 -28.36 1.86 9.42
C TYR B 370 -28.23 0.91 10.62
N ASP B 371 -28.20 -0.38 10.34
CA ASP B 371 -28.04 -1.37 11.38
C ASP B 371 -26.53 -1.55 11.51
N VAL B 372 -25.89 -0.54 12.07
CA VAL B 372 -24.44 -0.49 12.25
C VAL B 372 -23.76 -1.71 12.86
N VAL B 373 -22.61 -2.05 12.28
CA VAL B 373 -21.76 -3.15 12.71
C VAL B 373 -20.32 -2.67 12.54
N VAL B 374 -19.52 -2.76 13.58
CA VAL B 374 -18.15 -2.28 13.53
C VAL B 374 -17.10 -3.32 13.92
N ALA B 375 -15.95 -3.22 13.27
CA ALA B 375 -14.83 -4.12 13.54
C ALA B 375 -13.59 -3.23 13.60
N LYS B 376 -12.75 -3.43 14.62
CA LYS B 376 -11.56 -2.61 14.74
C LYS B 376 -10.37 -3.52 15.05
N PHE B 377 -9.31 -3.40 14.23
CA PHE B 377 -8.10 -4.20 14.40
C PHE B 377 -6.89 -3.28 14.54
N PRO B 378 -6.12 -3.44 15.64
CA PRO B 378 -4.93 -2.60 15.89
C PRO B 378 -3.73 -3.09 15.08
N PHE B 379 -2.87 -2.15 14.68
CA PHE B 379 -1.70 -2.56 13.91
C PHE B 379 -0.64 -3.14 14.82
N THR B 380 -0.88 -3.10 16.13
CA THR B 380 0.07 -3.66 17.07
C THR B 380 0.02 -5.17 16.94
N ALA B 381 -1.03 -5.65 16.28
CA ALA B 381 -1.20 -7.08 16.08
C ALA B 381 -0.87 -7.48 14.65
N ASN B 382 -0.25 -6.58 13.91
CA ASN B 382 0.11 -6.83 12.51
C ASN B 382 1.62 -7.05 12.36
N ALA B 383 2.00 -8.10 11.65
CA ALA B 383 3.41 -8.44 11.46
C ALA B 383 4.19 -7.37 10.71
N LYS B 384 3.65 -6.93 9.57
CA LYS B 384 4.28 -5.91 8.74
C LYS B 384 4.51 -4.64 9.55
N ALA B 385 3.49 -4.20 10.28
CA ALA B 385 3.60 -2.99 11.08
C ALA B 385 4.83 -3.08 11.99
N HIS B 386 5.04 -4.22 12.62
CA HIS B 386 6.20 -4.39 13.50
C HIS B 386 7.51 -4.45 12.72
N GLY B 387 7.46 -5.06 11.54
CA GLY B 387 8.65 -5.16 10.73
C GLY B 387 9.14 -3.83 10.19
N VAL B 388 8.20 -2.92 9.91
CA VAL B 388 8.55 -1.61 9.37
C VAL B 388 8.94 -0.63 10.49
N GLY B 389 8.55 -0.95 11.72
CA GLY B 389 8.87 -0.10 12.85
C GLY B 389 7.80 0.91 13.22
N ASP B 390 6.56 0.65 12.81
CA ASP B 390 5.45 1.54 13.11
C ASP B 390 4.19 0.73 13.39
N PRO B 391 4.07 0.19 14.61
CA PRO B 391 2.93 -0.63 15.03
C PRO B 391 1.73 0.18 15.50
N SER B 392 1.77 1.49 15.27
CA SER B 392 0.67 2.32 15.72
C SER B 392 -0.53 2.32 14.77
N GLY B 393 -1.63 2.88 15.23
CA GLY B 393 -2.80 2.96 14.39
C GLY B 393 -3.73 1.78 14.47
N PHE B 394 -4.67 1.72 13.52
CA PHE B 394 -5.64 0.66 13.50
C PHE B 394 -6.51 0.77 12.26
N VAL B 395 -7.33 -0.25 12.04
CA VAL B 395 -8.26 -0.26 10.91
C VAL B 395 -9.67 -0.43 11.47
N LYS B 396 -10.53 0.56 11.25
CA LYS B 396 -11.90 0.48 11.72
C LYS B 396 -12.85 0.49 10.54
N LEU B 397 -13.59 -0.60 10.36
CA LEU B 397 -14.54 -0.68 9.26
C LEU B 397 -15.97 -0.63 9.79
N VAL B 398 -16.87 -0.06 8.99
CA VAL B 398 -18.29 0.07 9.35
C VAL B 398 -19.18 -0.56 8.28
N ALA B 399 -20.09 -1.45 8.69
CA ALA B 399 -20.99 -2.10 7.75
C ALA B 399 -22.42 -2.23 8.28
N ASP B 400 -23.33 -2.70 7.43
CA ASP B 400 -24.72 -2.90 7.80
C ASP B 400 -25.03 -4.37 8.06
N ALA B 401 -25.54 -4.67 9.24
CA ALA B 401 -25.86 -6.04 9.62
C ALA B 401 -26.66 -6.84 8.58
N LYS B 402 -27.53 -6.19 7.83
CA LYS B 402 -28.33 -6.90 6.83
C LYS B 402 -27.55 -7.95 6.04
N HIS B 403 -26.78 -7.50 5.06
CA HIS B 403 -26.00 -8.42 4.24
C HIS B 403 -24.50 -8.22 4.42
N GLY B 404 -24.14 -7.23 5.22
CA GLY B 404 -22.75 -6.95 5.47
C GLY B 404 -22.14 -6.02 4.43
N GLU B 405 -22.90 -5.00 4.06
CA GLU B 405 -22.43 -4.05 3.07
C GLU B 405 -21.64 -2.97 3.79
N LEU B 406 -20.52 -2.61 3.18
CA LEU B 406 -19.66 -1.60 3.77
C LEU B 406 -20.32 -0.23 3.73
N LEU B 407 -20.16 0.51 4.82
CA LEU B 407 -20.71 1.84 4.94
C LEU B 407 -19.59 2.87 4.97
N GLY B 408 -18.43 2.45 5.49
CA GLY B 408 -17.25 3.29 5.60
C GLY B 408 -15.98 2.59 6.13
N GLY B 409 -14.83 3.25 5.96
CA GLY B 409 -13.57 2.69 6.42
C GLY B 409 -12.70 3.80 6.96
N HIS B 410 -12.11 3.56 8.13
CA HIS B 410 -11.29 4.57 8.77
C HIS B 410 -10.00 3.95 9.27
N LEU B 411 -8.90 4.29 8.62
CA LEU B 411 -7.59 3.73 8.97
C LEU B 411 -6.57 4.77 9.41
N VAL B 412 -5.60 4.33 10.18
CA VAL B 412 -4.51 5.18 10.65
C VAL B 412 -3.31 4.28 10.83
N GLY B 413 -2.25 4.53 10.07
CA GLY B 413 -1.08 3.71 10.19
C GLY B 413 -0.08 4.01 9.09
N HIS B 414 1.00 3.24 9.09
CA HIS B 414 2.06 3.40 8.11
C HIS B 414 1.55 3.28 6.67
N ASP B 415 1.57 4.40 5.95
CA ASP B 415 1.14 4.46 4.55
C ASP B 415 -0.18 3.74 4.26
N VAL B 416 -1.10 3.79 5.22
CA VAL B 416 -2.39 3.12 5.05
C VAL B 416 -3.24 3.70 3.92
N ALA B 417 -2.84 4.84 3.39
CA ALA B 417 -3.56 5.50 2.31
C ALA B 417 -3.52 4.69 1.03
N GLU B 418 -2.86 3.54 1.08
CA GLU B 418 -2.76 2.71 -0.10
C GLU B 418 -3.71 1.52 0.01
N LEU B 419 -4.28 1.36 1.20
CA LEU B 419 -5.17 0.26 1.52
C LEU B 419 -6.64 0.49 1.22
N LEU B 420 -7.00 1.68 0.76
CA LEU B 420 -8.38 1.97 0.47
C LEU B 420 -9.02 1.34 -0.76
N PRO B 421 -8.27 1.17 -1.85
CA PRO B 421 -8.80 0.57 -3.09
C PRO B 421 -9.78 -0.61 -2.98
N GLU B 422 -9.41 -1.62 -2.20
CA GLU B 422 -10.27 -2.80 -2.02
C GLU B 422 -11.62 -2.43 -1.41
N LEU B 423 -11.58 -1.52 -0.44
CA LEU B 423 -12.80 -1.10 0.22
C LEU B 423 -13.76 -0.38 -0.70
N THR B 424 -13.29 0.66 -1.38
CA THR B 424 -14.17 1.39 -2.26
C THR B 424 -14.71 0.51 -3.38
N LEU B 425 -13.85 -0.33 -3.96
CA LEU B 425 -14.29 -1.19 -5.05
C LEU B 425 -15.46 -2.05 -4.56
N ALA B 426 -15.33 -2.55 -3.34
CA ALA B 426 -16.38 -3.40 -2.80
C ALA B 426 -17.68 -2.65 -2.58
N GLN B 427 -17.61 -1.46 -2.00
CA GLN B 427 -18.79 -0.65 -1.72
C GLN B 427 -19.49 -0.23 -3.02
N ARG B 428 -18.71 0.17 -4.02
CA ARG B 428 -19.28 0.60 -5.28
C ARG B 428 -19.98 -0.51 -6.06
N TRP B 429 -19.42 -1.72 -6.04
CA TRP B 429 -20.01 -2.83 -6.78
C TRP B 429 -20.69 -3.87 -5.88
N ASP B 430 -21.17 -3.41 -4.73
CA ASP B 430 -21.90 -4.24 -3.78
C ASP B 430 -21.31 -5.60 -3.43
N LEU B 431 -20.14 -5.59 -2.82
CA LEU B 431 -19.49 -6.84 -2.41
C LEU B 431 -19.48 -6.78 -0.90
N THR B 432 -20.24 -7.66 -0.28
CA THR B 432 -20.35 -7.71 1.17
C THR B 432 -19.09 -8.19 1.88
N ALA B 433 -19.06 -8.01 3.19
CA ALA B 433 -17.93 -8.43 3.98
C ALA B 433 -17.65 -9.91 3.75
N SER B 434 -18.71 -10.68 3.48
CA SER B 434 -18.53 -12.10 3.23
C SER B 434 -17.62 -12.31 2.02
N GLU B 435 -17.82 -11.55 0.96
CA GLU B 435 -16.94 -11.75 -0.19
C GLU B 435 -15.55 -11.20 0.13
N LEU B 436 -15.51 -10.09 0.85
CA LEU B 436 -14.22 -9.51 1.20
C LEU B 436 -13.41 -10.47 2.07
N ALA B 437 -14.09 -11.19 2.94
CA ALA B 437 -13.39 -12.11 3.83
C ALA B 437 -12.80 -13.32 3.11
N ARG B 438 -13.24 -13.57 1.87
CA ARG B 438 -12.70 -14.71 1.12
C ARG B 438 -11.54 -14.33 0.21
N ASN B 439 -11.15 -13.06 0.25
CA ASN B 439 -10.05 -12.55 -0.58
C ASN B 439 -8.75 -12.76 0.19
N VAL B 440 -7.83 -13.53 -0.37
CA VAL B 440 -6.58 -13.79 0.31
C VAL B 440 -5.56 -12.64 0.21
N HIS B 441 -5.08 -12.15 1.36
CA HIS B 441 -4.12 -11.06 1.38
C HIS B 441 -2.70 -11.54 1.63
N THR B 442 -1.77 -11.08 0.81
CA THR B 442 -0.37 -11.46 0.93
C THR B 442 0.18 -11.26 2.33
N HIS B 443 1.13 -12.10 2.72
CA HIS B 443 1.76 -12.03 4.04
C HIS B 443 3.26 -11.83 3.93
N PRO B 444 3.84 -10.93 4.75
CA PRO B 444 3.13 -10.12 5.74
C PRO B 444 2.95 -8.71 5.18
N THR B 445 1.75 -8.15 5.31
CA THR B 445 1.47 -6.81 4.82
C THR B 445 0.44 -6.08 5.68
N MSE B 446 0.42 -4.75 5.57
CA MSE B 446 -0.53 -3.93 6.31
C MSE B 446 -1.96 -4.34 5.93
O MSE B 446 -2.86 -4.32 6.76
CB MSE B 446 -0.32 -2.46 5.98
CG MSE B 446 1.08 -1.93 6.22
SE MSE B 446 1.49 -1.81 8.10
CE MSE B 446 0.51 -0.20 8.54
N SER B 447 -2.14 -4.69 4.66
CA SER B 447 -3.45 -5.09 4.14
C SER B 447 -4.14 -6.18 4.95
N GLU B 448 -3.35 -7.06 5.57
CA GLU B 448 -3.90 -8.14 6.38
C GLU B 448 -4.80 -7.59 7.48
N ALA B 449 -4.53 -6.37 7.92
CA ALA B 449 -5.34 -5.76 8.95
C ALA B 449 -6.78 -5.66 8.44
N LEU B 450 -6.93 -5.41 7.14
CA LEU B 450 -8.26 -5.32 6.55
C LEU B 450 -8.94 -6.70 6.57
N GLN B 451 -8.17 -7.73 6.22
CA GLN B 451 -8.66 -9.10 6.18
C GLN B 451 -9.26 -9.48 7.53
N GLU B 452 -8.53 -9.20 8.61
CA GLU B 452 -9.01 -9.51 9.94
C GLU B 452 -10.32 -8.78 10.25
N CYS B 453 -10.44 -7.53 9.81
CA CYS B 453 -11.67 -6.78 10.04
C CYS B 453 -12.79 -7.42 9.25
N PHE B 454 -12.49 -7.91 8.06
CA PHE B 454 -13.51 -8.58 7.27
C PHE B 454 -14.02 -9.77 8.10
N HIS B 455 -13.10 -10.53 8.69
CA HIS B 455 -13.45 -11.69 9.50
C HIS B 455 -14.24 -11.30 10.76
N GLY B 456 -13.77 -10.27 11.45
CA GLY B 456 -14.44 -9.83 12.66
C GLY B 456 -15.83 -9.32 12.36
N LEU B 457 -16.04 -8.89 11.12
CA LEU B 457 -17.32 -8.37 10.69
C LEU B 457 -18.27 -9.53 10.43
N VAL B 458 -17.76 -10.54 9.74
CA VAL B 458 -18.57 -11.72 9.41
C VAL B 458 -18.79 -12.62 10.62
N GLY B 459 -17.70 -13.13 11.18
CA GLY B 459 -17.78 -14.02 12.32
C GLY B 459 -16.74 -13.73 13.37
N HIS B 460 -15.62 -14.45 13.34
CA HIS B 460 -14.56 -14.22 14.31
C HIS B 460 -13.21 -13.99 13.62
N MSE B 461 -12.37 -13.15 14.21
CA MSE B 461 -11.06 -12.88 13.66
C MSE B 461 -10.18 -14.08 13.98
O MSE B 461 -10.42 -14.78 14.97
CB MSE B 461 -10.42 -11.64 14.29
CG MSE B 461 -11.24 -10.37 14.13
SE MSE B 461 -10.41 -8.84 14.99
CE MSE B 461 -11.34 -7.44 14.00
N ILE B 462 -9.19 -14.33 13.14
CA ILE B 462 -8.30 -15.47 13.38
C ILE B 462 -7.11 -15.09 14.26
N ASN B 463 -6.19 -14.30 13.70
CA ASN B 463 -4.99 -13.91 14.44
C ASN B 463 -5.22 -12.74 15.39
N PHE B 464 -6.06 -12.98 16.39
CA PHE B 464 -6.36 -11.94 17.37
C PHE B 464 -6.97 -12.51 18.65
PA FAD C . 5.78 -24.53 8.29
O1A FAD C . 5.62 -23.13 8.74
O2A FAD C . 7.02 -24.94 7.55
O5B FAD C . 5.57 -25.43 9.57
C5B FAD C . 5.63 -26.85 9.61
C4B FAD C . 5.74 -27.21 11.10
O4B FAD C . 5.43 -28.62 11.20
C3B FAD C . 7.13 -27.03 11.72
O3B FAD C . 7.13 -26.13 12.81
C2B FAD C . 7.56 -28.43 12.09
O2B FAD C . 8.39 -28.57 13.25
C1B FAD C . 6.24 -29.17 12.21
N9A FAD C . 6.28 -30.60 11.96
C8A FAD C . 6.81 -31.27 10.89
N7A FAD C . 6.67 -32.58 10.96
C5A FAD C . 6.00 -32.79 12.14
C6A FAD C . 5.55 -33.97 12.80
N6A FAD C . 5.74 -35.19 12.27
N1A FAD C . 4.91 -33.84 13.99
C2A FAD C . 4.72 -32.57 14.52
N3A FAD C . 5.10 -31.41 13.98
C4A FAD C . 5.76 -31.57 12.76
N1 FAD C . 6.03 -16.73 2.87
C2 FAD C . 5.29 -15.59 2.67
O2 FAD C . 4.06 -15.62 2.40
N3 FAD C . 5.88 -14.34 2.76
C4 FAD C . 7.23 -14.14 3.05
O4 FAD C . 7.66 -12.96 3.13
C4X FAD C . 8.01 -15.33 3.25
N5 FAD C . 9.38 -15.20 3.56
C5X FAD C . 10.10 -16.37 3.79
C6 FAD C . 11.49 -16.27 4.13
C7 FAD C . 12.26 -17.40 4.39
C7M FAD C . 13.74 -17.19 4.75
C8 FAD C . 11.67 -18.70 4.34
C8M FAD C . 12.41 -19.99 4.63
C9 FAD C . 10.29 -18.80 4.00
C9A FAD C . 9.49 -17.69 3.73
N10 FAD C . 8.11 -17.79 3.40
C10 FAD C . 7.33 -16.59 3.16
C1' FAD C . 7.40 -19.09 3.31
C2' FAD C . 6.54 -19.46 4.49
O2' FAD C . 7.33 -19.34 5.69
C3' FAD C . 5.99 -20.87 4.32
O3' FAD C . 5.23 -20.88 3.12
C4' FAD C . 5.08 -21.24 5.48
O4' FAD C . 5.84 -21.22 6.70
C5' FAD C . 4.52 -22.61 5.31
O5' FAD C . 3.64 -22.84 6.41
P FAD C . 3.27 -24.30 6.85
O1P FAD C . 2.31 -24.18 7.92
O2P FAD C . 2.88 -25.05 5.59
O3P FAD C . 4.58 -24.98 7.36
C1 MPD D . -1.08 -10.72 16.84
C2 MPD D . -0.90 -11.81 17.89
O2 MPD D . 0.41 -11.70 18.47
CM MPD D . -1.97 -11.61 18.97
C3 MPD D . -1.10 -13.20 17.25
C4 MPD D . -0.04 -13.52 16.17
O4 MPD D . 1.25 -13.56 16.79
C5 MPD D . -0.31 -14.88 15.53
PA FAD E . -7.01 23.85 -9.03
O1A FAD E . -5.93 22.83 -9.04
O2A FAD E . -7.15 24.76 -7.86
O5B FAD E . -6.82 24.67 -10.37
C5B FAD E . -7.64 25.76 -10.82
C4B FAD E . -6.83 26.47 -11.93
O4B FAD E . -7.76 27.30 -12.66
C3B FAD E . -5.71 27.39 -11.44
O3B FAD E . -4.46 27.03 -11.95
C2B FAD E . -6.14 28.78 -11.87
O2B FAD E . -5.08 29.66 -12.22
C1B FAD E . -7.12 28.53 -13.00
N9A FAD E . -8.17 29.52 -13.16
C8A FAD E . -9.02 30.02 -12.20
N7A FAD E . -9.87 30.89 -12.66
C5A FAD E . -9.58 31.00 -14.02
C6A FAD E . -10.13 31.77 -15.08
N6A FAD E . -11.15 32.63 -14.90
N1A FAD E . -9.60 31.65 -16.33
C2A FAD E . -8.55 30.77 -16.51
N3A FAD E . -7.96 29.99 -15.58
C4A FAD E . -8.52 30.16 -14.32
N1 FAD E . -5.90 17.02 -2.79
C2 FAD E . -5.76 15.65 -2.80
O2 FAD E . -6.57 14.89 -3.40
N3 FAD E . -4.72 15.04 -2.10
C4 FAD E . -3.74 15.73 -1.39
O4 FAD E . -2.83 15.10 -0.80
C4X FAD E . -3.86 17.17 -1.41
N5 FAD E . -2.89 17.93 -0.72
C5X FAD E . -3.01 19.31 -0.76
C6 FAD E . -2.02 20.11 -0.10
C7 FAD E . -2.07 21.50 -0.11
C7M FAD E . -0.96 22.29 0.60
C8 FAD E . -3.14 22.17 -0.80
C8M FAD E . -3.27 23.66 -0.88
C9 FAD E . -4.12 21.36 -1.45
C9A FAD E . -4.10 19.97 -1.45
N10 FAD E . -5.09 19.18 -2.12
C10 FAD E . -4.97 17.73 -2.12
C1' FAD E . -6.22 19.79 -2.85
C2' FAD E . -6.09 19.79 -4.35
O2' FAD E . -4.90 20.52 -4.70
C3' FAD E . -7.34 20.42 -4.97
O3' FAD E . -8.46 19.64 -4.56
C4' FAD E . -7.22 20.39 -6.49
O4' FAD E . -6.08 21.19 -6.87
C5' FAD E . -8.41 20.95 -7.13
O5' FAD E . -8.22 20.80 -8.53
P FAD E . -8.99 21.73 -9.52
O1P FAD E . -8.64 21.27 -10.86
O2P FAD E . -10.45 21.72 -9.11
O3P FAD E . -8.45 23.19 -9.26
#